data_9RDI
#
_entry.id   9RDI
#
_cell.length_a   61.453
_cell.length_b   116.150
_cell.length_c   139.706
_cell.angle_alpha   90.00
_cell.angle_beta   90.00
_cell.angle_gamma   90.00
#
_symmetry.space_group_name_H-M   'P 21 21 21'
#
loop_
_entity.id
_entity.type
_entity.pdbx_description
1 polymer 'Flap endonuclease 1'
2 non-polymer 2-methyl-9-oxidanyl-6-(phenylmethyl)-3,4-dihydropyrazino[1,2-c]pyrimidine-1,8-dione
3 non-polymer 6-tungstotellurate(VI)
4 non-polymer 'MAGNESIUM ION'
5 water water
#
_entity_poly.entity_id   1
_entity_poly.type   'polypeptide(L)'
_entity_poly.pdbx_seq_one_letter_code
;MGIQGLAKLIADVAPSAIRENDIKSYFGRKVAIDASMSIYQFLIAVRQGGDVLQNEEGETTSHLMGMFYRTIRMMENGIK
PVYVFDGKPPQLKSGELAKRSERRAEAEKQLQQAQAAGAEQEVEKFTKRLVKVTKQHNDECKHLLSLMGIPYLDAPSEAE
ASCAALVKAGKVYAAATEDMDCLTFGSPVLMRHLTASEAKKLPIQEFHLSRILQELGLNQEQFVDLCILLGSDYCESIRG
IGPKRAVDLIQKHKSIEEIVRRLDPNKYPVPENWLHKEAHQLFLEPEVLDPESVELKWSEPNEEELIKFMCGEKQFSEER
IRSGVKRLSKSRQGSTLEVLFQ
;
_entity_poly.pdbx_strand_id   A,B
#
loop_
_chem_comp.id
_chem_comp.type
_chem_comp.name
_chem_comp.formula
A1JED non-polymer 2-methyl-9-oxidanyl-6-(phenylmethyl)-3,4-dihydropyrazino[1,2-c]pyrimidine-1,8-dione 'C15 H15 N3 O3'
MG non-polymer 'MAGNESIUM ION' 'Mg 2'
TEW non-polymer 6-tungstotellurate(VI) 'O24 Te W6 -6'
#
# COMPACT_ATOMS: atom_id res chain seq x y z
N GLY A 2 10.53 5.15 -19.69
CA GLY A 2 11.32 6.02 -20.55
C GLY A 2 11.19 5.75 -22.03
N ILE A 3 11.86 6.54 -22.85
CA ILE A 3 11.84 6.36 -24.30
C ILE A 3 13.20 5.82 -24.71
N GLN A 4 13.24 4.58 -25.20
CA GLN A 4 14.47 3.90 -25.60
C GLN A 4 15.32 4.70 -26.59
N GLY A 5 16.49 5.10 -26.14
CA GLY A 5 17.44 5.85 -26.97
C GLY A 5 17.06 7.28 -27.29
N LEU A 6 16.08 7.88 -26.55
CA LEU A 6 15.72 9.27 -26.81
C LEU A 6 16.83 10.29 -26.48
N ALA A 7 17.51 10.16 -25.33
CA ALA A 7 18.55 11.10 -24.94
C ALA A 7 19.77 11.09 -25.91
N LYS A 8 20.06 9.91 -26.45
CA LYS A 8 21.15 9.68 -27.40
C LYS A 8 20.73 10.19 -28.77
N LEU A 9 19.46 9.98 -29.18
CA LEU A 9 18.98 10.47 -30.47
C LEU A 9 18.99 12.00 -30.50
N ILE A 10 18.55 12.66 -29.42
CA ILE A 10 18.58 14.12 -29.33
C ILE A 10 20.05 14.66 -29.35
N ALA A 11 21.00 13.91 -28.78
CA ALA A 11 22.41 14.32 -28.79
C ALA A 11 23.00 14.26 -30.22
N ASP A 12 22.44 13.41 -31.10
CA ASP A 12 22.86 13.29 -32.48
C ASP A 12 22.18 14.31 -33.39
N VAL A 13 20.84 14.36 -33.38
CA VAL A 13 20.09 15.26 -34.27
C VAL A 13 19.94 16.69 -33.77
N ALA A 14 19.63 16.91 -32.48
CA ALA A 14 19.43 18.26 -31.96
C ALA A 14 20.29 18.58 -30.73
N PRO A 15 21.62 18.56 -30.87
CA PRO A 15 22.49 18.82 -29.69
C PRO A 15 22.29 20.17 -29.02
N SER A 16 21.78 21.16 -29.76
CA SER A 16 21.56 22.49 -29.21
C SER A 16 20.32 22.59 -28.31
N ALA A 17 19.52 21.52 -28.21
CA ALA A 17 18.39 21.46 -27.30
C ALA A 17 18.88 21.01 -25.89
N ILE A 18 20.08 20.40 -25.79
CA ILE A 18 20.65 19.95 -24.53
C ILE A 18 21.73 20.94 -24.08
N ARG A 19 21.68 21.37 -22.83
CA ARG A 19 22.67 22.29 -22.27
C ARG A 19 23.11 21.77 -20.89
N GLU A 20 24.42 21.73 -20.62
CA GLU A 20 24.92 21.27 -19.32
C GLU A 20 25.23 22.53 -18.49
N ASN A 21 24.63 22.67 -17.29
CA ASN A 21 24.82 23.87 -16.46
C ASN A 21 25.22 23.53 -15.04
N ASP A 22 25.92 24.45 -14.36
CA ASP A 22 26.28 24.25 -12.96
C ASP A 22 25.03 24.46 -12.06
N ILE A 23 24.94 23.68 -10.96
CA ILE A 23 23.86 23.84 -10.00
C ILE A 23 23.86 25.27 -9.40
N LYS A 24 24.98 26.03 -9.51
CA LYS A 24 25.04 27.41 -9.03
C LYS A 24 24.30 28.41 -9.93
N SER A 25 23.88 27.99 -11.13
CA SER A 25 23.16 28.88 -12.02
C SER A 25 21.65 28.90 -11.80
N TYR A 26 21.15 28.19 -10.77
CA TYR A 26 19.70 28.07 -10.54
C TYR A 26 19.18 28.78 -9.33
N PHE A 27 19.95 29.65 -8.67
CA PHE A 27 19.47 30.32 -7.46
C PHE A 27 18.17 31.11 -7.67
N GLY A 28 17.12 30.71 -6.98
CA GLY A 28 15.81 31.35 -7.07
C GLY A 28 14.78 30.58 -7.87
N ARG A 29 15.17 29.46 -8.48
CA ARG A 29 14.25 28.70 -9.34
C ARG A 29 13.42 27.61 -8.64
N LYS A 30 12.18 27.45 -9.09
CA LYS A 30 11.27 26.43 -8.60
C LYS A 30 11.29 25.25 -9.59
N VAL A 31 11.33 24.00 -9.09
CA VAL A 31 11.30 22.83 -9.97
C VAL A 31 10.25 21.79 -9.45
N ALA A 32 9.60 21.04 -10.36
CA ALA A 32 8.68 19.95 -9.99
C ALA A 32 9.46 18.64 -10.12
N ILE A 33 9.79 18.01 -9.01
CA ILE A 33 10.56 16.78 -9.00
C ILE A 33 9.66 15.56 -9.02
N ASP A 34 9.91 14.65 -9.97
CA ASP A 34 9.23 13.38 -10.08
C ASP A 34 9.73 12.55 -8.88
N ALA A 35 8.98 12.59 -7.76
CA ALA A 35 9.34 11.91 -6.52
C ALA A 35 9.40 10.40 -6.62
N SER A 36 8.54 9.79 -7.45
CA SER A 36 8.52 8.33 -7.58
C SER A 36 9.80 7.83 -8.24
N MET A 37 10.25 8.52 -9.32
CA MET A 37 11.49 8.23 -10.04
C MET A 37 12.68 8.60 -9.15
N SER A 38 12.60 9.70 -8.38
CA SER A 38 13.68 10.09 -7.47
C SER A 38 13.92 9.05 -6.41
N ILE A 39 12.84 8.51 -5.80
CA ILE A 39 12.95 7.46 -4.79
C ILE A 39 13.55 6.22 -5.42
N TYR A 40 13.09 5.87 -6.65
CA TYR A 40 13.62 4.74 -7.40
C TYR A 40 15.16 4.90 -7.59
N GLN A 41 15.61 6.07 -8.04
CA GLN A 41 17.04 6.38 -8.23
C GLN A 41 17.82 6.27 -6.91
N PHE A 42 17.25 6.72 -5.77
CA PHE A 42 17.91 6.57 -4.47
C PHE A 42 18.04 5.11 -4.08
N LEU A 43 17.02 4.29 -4.35
CA LEU A 43 17.05 2.87 -4.02
C LEU A 43 18.05 2.04 -4.87
N ILE A 44 18.32 2.48 -6.12
CA ILE A 44 19.20 1.72 -7.01
C ILE A 44 20.66 2.18 -7.01
N ALA A 45 20.98 3.30 -6.33
CA ALA A 45 22.36 3.80 -6.29
C ALA A 45 23.31 2.89 -5.48
N VAL A 46 24.63 2.99 -5.76
CA VAL A 46 25.65 2.17 -5.08
C VAL A 46 26.64 3.03 -4.26
N GLU A 59 16.16 -3.05 7.50
CA GLU A 59 15.82 -2.74 6.11
C GLU A 59 16.41 -1.41 5.62
N THR A 60 16.49 -1.23 4.27
CA THR A 60 17.07 -0.05 3.64
C THR A 60 16.43 1.28 4.04
N THR A 61 17.28 2.29 4.20
CA THR A 61 16.84 3.66 4.46
C THR A 61 17.39 4.63 3.40
N SER A 62 17.88 4.13 2.26
CA SER A 62 18.45 4.95 1.21
C SER A 62 17.47 5.94 0.62
N HIS A 63 16.18 5.58 0.57
CA HIS A 63 15.13 6.49 0.09
C HIS A 63 15.07 7.74 0.98
N LEU A 64 15.16 7.58 2.32
CA LEU A 64 15.12 8.68 3.28
C LEU A 64 16.44 9.43 3.29
N MET A 65 17.57 8.72 3.17
CA MET A 65 18.89 9.34 3.17
C MET A 65 19.02 10.28 1.98
N GLY A 66 18.67 9.80 0.80
CA GLY A 66 18.75 10.60 -0.42
C GLY A 66 17.73 11.72 -0.44
N MET A 67 16.54 11.47 0.09
CA MET A 67 15.49 12.49 0.16
C MET A 67 15.94 13.63 1.08
N PHE A 68 16.51 13.30 2.24
CA PHE A 68 16.96 14.31 3.20
C PHE A 68 18.16 15.15 2.67
N TYR A 69 19.32 14.52 2.36
CA TYR A 69 20.53 15.20 1.89
C TYR A 69 20.46 15.81 0.49
N ARG A 70 19.80 15.17 -0.49
CA ARG A 70 19.69 15.76 -1.84
C ARG A 70 18.75 16.96 -1.84
N THR A 71 17.73 16.97 -0.97
CA THR A 71 16.80 18.10 -0.87
C THR A 71 17.51 19.28 -0.18
N ILE A 72 18.32 18.99 0.86
CA ILE A 72 19.08 20.02 1.58
C ILE A 72 20.07 20.68 0.63
N ARG A 73 20.69 19.90 -0.30
CA ARG A 73 21.60 20.44 -1.29
C ARG A 73 20.85 21.39 -2.22
N MET A 74 19.68 21.01 -2.70
CA MET A 74 18.86 21.90 -3.53
C MET A 74 18.54 23.22 -2.83
N MET A 75 18.12 23.17 -1.57
CA MET A 75 17.79 24.35 -0.78
C MET A 75 19.01 25.21 -0.49
N GLU A 76 20.20 24.59 -0.39
CA GLU A 76 21.46 25.34 -0.20
C GLU A 76 21.87 26.08 -1.46
N ASN A 77 21.42 25.62 -2.64
CA ASN A 77 21.67 26.28 -3.90
C ASN A 77 20.45 27.10 -4.38
N GLY A 78 19.58 27.51 -3.45
CA GLY A 78 18.41 28.31 -3.71
C GLY A 78 17.38 27.71 -4.65
N ILE A 79 17.30 26.38 -4.73
CA ILE A 79 16.33 25.70 -5.58
C ILE A 79 15.15 25.30 -4.72
N LYS A 80 13.93 25.67 -5.12
CA LYS A 80 12.73 25.34 -4.35
C LYS A 80 12.00 24.19 -5.01
N PRO A 81 12.09 22.97 -4.47
CA PRO A 81 11.41 21.83 -5.10
C PRO A 81 9.97 21.53 -4.64
N VAL A 82 9.14 21.06 -5.57
CA VAL A 82 7.83 20.53 -5.22
C VAL A 82 7.87 19.07 -5.70
N TYR A 83 7.69 18.11 -4.77
CA TYR A 83 7.74 16.69 -5.11
C TYR A 83 6.39 16.18 -5.61
N VAL A 84 6.37 15.48 -6.73
CA VAL A 84 5.15 14.94 -7.31
C VAL A 84 5.20 13.43 -7.26
N PHE A 85 4.19 12.79 -6.62
CA PHE A 85 4.14 11.35 -6.44
C PHE A 85 3.16 10.70 -7.40
N ASP A 86 3.50 9.52 -7.91
CA ASP A 86 2.62 8.78 -8.81
C ASP A 86 1.32 8.43 -8.13
N GLY A 87 0.27 8.44 -8.94
CA GLY A 87 -1.06 7.96 -8.60
C GLY A 87 -1.26 6.65 -9.34
N LYS A 88 -2.53 6.26 -9.58
CA LYS A 88 -2.84 5.02 -10.29
C LYS A 88 -2.23 4.95 -11.71
N PRO A 89 -1.76 3.77 -12.15
CA PRO A 89 -1.19 3.70 -13.51
C PRO A 89 -2.28 3.91 -14.58
N PRO A 90 -1.89 4.47 -15.73
CA PRO A 90 -2.88 4.63 -16.80
C PRO A 90 -3.36 3.30 -17.36
N GLN A 91 -4.62 3.24 -17.80
CA GLN A 91 -5.17 2.01 -18.35
C GLN A 91 -5.39 2.25 -19.83
N LEU A 92 -4.79 1.42 -20.68
CA LEU A 92 -4.89 1.62 -22.13
C LEU A 92 -6.13 1.01 -22.74
N LYS A 93 -6.50 -0.20 -22.27
CA LYS A 93 -7.67 -0.94 -22.69
C LYS A 93 -8.73 -0.88 -21.58
N SER A 94 -10.01 -0.85 -21.95
CA SER A 94 -11.08 -0.81 -20.94
C SER A 94 -11.32 -2.17 -20.26
N GLY A 95 -11.08 -3.26 -21.00
CA GLY A 95 -11.28 -4.60 -20.45
C GLY A 95 -10.24 -5.05 -19.43
N GLU A 96 -8.96 -4.73 -19.67
CA GLU A 96 -7.89 -5.16 -18.77
C GLU A 96 -7.58 -4.17 -17.64
N LEU A 97 -6.81 -4.62 -16.63
CA LEU A 97 -6.35 -3.77 -15.53
C LEU A 97 -4.83 -3.87 -15.48
N ALA A 98 -4.14 -2.87 -16.00
CA ALA A 98 -2.70 -2.83 -16.00
C ALA A 98 -2.15 -2.48 -14.62
N LYS A 99 -1.06 -3.13 -14.26
CA LYS A 99 -0.38 -2.90 -13.00
C LYS A 99 1.08 -2.59 -13.28
N ARG A 100 1.65 -1.63 -12.54
CA ARG A 100 3.05 -1.29 -12.69
C ARG A 100 4.01 -2.46 -12.45
N SER A 101 3.57 -3.47 -11.70
CA SER A 101 4.38 -4.67 -11.47
C SER A 101 4.59 -5.51 -12.75
N GLU A 102 3.75 -5.33 -13.78
CA GLU A 102 3.91 -6.04 -15.05
C GLU A 102 5.20 -5.58 -15.77
N ARG A 103 5.58 -4.31 -15.64
CA ARG A 103 6.82 -3.84 -16.27
C ARG A 103 8.01 -4.47 -15.54
N ARG A 104 7.95 -4.59 -14.20
CA ARG A 104 9.01 -5.24 -13.43
C ARG A 104 9.08 -6.73 -13.75
N ALA A 105 7.96 -7.36 -14.17
CA ALA A 105 7.90 -8.77 -14.58
C ALA A 105 8.60 -8.92 -15.95
N GLU A 106 8.44 -7.94 -16.86
CA GLU A 106 9.13 -7.90 -18.15
C GLU A 106 10.65 -7.76 -17.94
N ALA A 107 11.06 -7.00 -16.92
CA ALA A 107 12.45 -6.78 -16.56
C ALA A 107 13.09 -8.03 -15.96
N GLU A 108 12.30 -8.95 -15.37
CA GLU A 108 12.80 -10.18 -14.79
C GLU A 108 13.04 -11.24 -15.86
N LYS A 109 12.25 -11.23 -16.95
CA LYS A 109 12.46 -12.15 -18.05
C LYS A 109 13.77 -11.76 -18.75
N GLN A 110 13.93 -10.45 -19.05
CA GLN A 110 15.14 -9.93 -19.69
C GLN A 110 16.39 -10.10 -18.82
N LEU A 111 16.24 -10.15 -17.50
CA LEU A 111 17.37 -10.30 -16.60
C LEU A 111 17.99 -11.70 -16.68
N GLN A 112 17.18 -12.75 -16.43
CA GLN A 112 17.66 -14.14 -16.41
C GLN A 112 18.25 -14.60 -17.76
N GLN A 113 17.94 -13.90 -18.86
CA GLN A 113 18.50 -14.24 -20.17
C GLN A 113 20.00 -13.87 -20.15
N ALA A 114 20.32 -12.66 -19.70
CA ALA A 114 21.70 -12.21 -19.60
C ALA A 114 22.32 -12.70 -18.30
N GLU A 122 24.66 -5.78 -19.66
CA GLU A 122 23.30 -5.36 -19.38
C GLU A 122 22.61 -6.18 -18.27
N VAL A 123 23.35 -7.01 -17.53
CA VAL A 123 22.82 -7.78 -16.41
C VAL A 123 22.41 -6.80 -15.31
N GLU A 124 23.29 -5.82 -15.01
CA GLU A 124 23.06 -4.80 -14.00
C GLU A 124 21.91 -3.89 -14.39
N LYS A 125 21.74 -3.59 -15.69
CA LYS A 125 20.66 -2.75 -16.22
C LYS A 125 19.27 -3.27 -15.82
N PHE A 126 18.99 -4.55 -16.07
CA PHE A 126 17.71 -5.17 -15.72
C PHE A 126 17.52 -5.42 -14.22
N THR A 127 18.62 -5.50 -13.47
CA THR A 127 18.57 -5.69 -12.01
C THR A 127 18.00 -4.43 -11.32
N LYS A 128 18.33 -3.25 -11.85
CA LYS A 128 17.84 -1.97 -11.33
C LYS A 128 16.32 -1.91 -11.54
N ARG A 129 15.83 -2.34 -12.72
CA ARG A 129 14.42 -2.28 -13.09
C ARG A 129 13.50 -3.17 -12.25
N LEU A 130 14.06 -4.16 -11.55
CA LEU A 130 13.26 -5.00 -10.66
C LEU A 130 12.84 -4.22 -9.41
N VAL A 131 13.65 -3.26 -8.96
CA VAL A 131 13.41 -2.50 -7.75
C VAL A 131 12.06 -1.77 -7.73
N LYS A 132 11.26 -2.10 -6.72
CA LYS A 132 9.94 -1.53 -6.48
C LYS A 132 9.99 -0.37 -5.47
N VAL A 133 9.30 0.74 -5.78
CA VAL A 133 9.13 1.80 -4.79
C VAL A 133 7.90 1.29 -3.99
N THR A 134 8.12 0.82 -2.77
CA THR A 134 7.03 0.24 -1.96
C THR A 134 6.11 1.32 -1.34
N LYS A 135 4.98 0.88 -0.74
CA LYS A 135 4.01 1.75 -0.08
C LYS A 135 4.70 2.47 1.09
N GLN A 136 5.52 1.72 1.86
CA GLN A 136 6.30 2.21 3.00
C GLN A 136 7.34 3.27 2.58
N HIS A 137 7.92 3.16 1.38
CA HIS A 137 8.86 4.17 0.86
C HIS A 137 8.14 5.51 0.60
N ASN A 138 6.97 5.48 -0.05
CA ASN A 138 6.20 6.69 -0.35
C ASN A 138 5.74 7.42 0.90
N ASP A 139 5.09 6.70 1.84
CA ASP A 139 4.61 7.25 3.09
C ASP A 139 5.71 7.81 3.98
N GLU A 140 6.87 7.13 4.05
CA GLU A 140 7.98 7.64 4.86
C GLU A 140 8.65 8.86 4.23
N CYS A 141 8.65 8.96 2.88
CA CYS A 141 9.19 10.13 2.19
C CYS A 141 8.25 11.32 2.30
N LYS A 142 6.94 11.09 2.30
CA LYS A 142 5.97 12.17 2.46
C LYS A 142 6.01 12.69 3.91
N HIS A 143 6.24 11.79 4.90
CA HIS A 143 6.38 12.14 6.31
C HIS A 143 7.63 12.98 6.49
N LEU A 144 8.75 12.57 5.87
CA LEU A 144 10.02 13.30 5.92
C LEU A 144 9.84 14.69 5.31
N LEU A 145 9.26 14.80 4.08
CA LEU A 145 9.04 16.09 3.41
C LEU A 145 8.17 17.06 4.24
N SER A 146 7.15 16.57 4.94
CA SER A 146 6.31 17.42 5.78
C SER A 146 7.11 18.00 6.95
N LEU A 147 7.93 17.16 7.60
CA LEU A 147 8.76 17.62 8.71
C LEU A 147 9.78 18.62 8.21
N MET A 148 10.32 18.44 7.00
CA MET A 148 11.29 19.34 6.41
C MET A 148 10.71 20.68 5.94
N GLY A 149 9.39 20.77 5.82
CA GLY A 149 8.74 21.97 5.31
C GLY A 149 8.72 22.04 3.78
N ILE A 150 8.86 20.87 3.11
CA ILE A 150 8.91 20.80 1.64
C ILE A 150 7.56 20.37 1.13
N PRO A 151 6.96 21.09 0.17
CA PRO A 151 5.63 20.71 -0.31
C PRO A 151 5.63 19.52 -1.27
N TYR A 152 4.51 18.81 -1.36
CA TYR A 152 4.39 17.69 -2.29
C TYR A 152 2.98 17.53 -2.79
N LEU A 153 2.83 17.01 -3.99
CA LEU A 153 1.53 16.79 -4.60
C LEU A 153 1.41 15.33 -5.00
N ASP A 154 0.17 14.82 -5.01
CA ASP A 154 -0.09 13.48 -5.49
C ASP A 154 -0.69 13.64 -6.87
N ALA A 155 -0.04 13.07 -7.87
CA ALA A 155 -0.49 13.11 -9.26
C ALA A 155 -1.65 12.11 -9.40
N PRO A 156 -2.65 12.37 -10.28
CA PRO A 156 -3.74 11.37 -10.44
C PRO A 156 -3.27 10.12 -11.16
N SER A 157 -2.22 10.21 -11.99
CA SER A 157 -1.66 9.06 -12.69
C SER A 157 -0.09 9.14 -12.72
N GLU A 158 0.58 9.29 -13.89
CA GLU A 158 2.06 9.39 -13.93
C GLU A 158 2.56 10.68 -13.35
N ALA A 159 3.52 10.63 -12.42
CA ALA A 159 4.09 11.87 -11.87
C ALA A 159 4.82 12.68 -12.98
N GLU A 160 5.51 12.03 -13.93
CA GLU A 160 6.19 12.77 -15.01
C GLU A 160 5.20 13.57 -15.86
N ALA A 161 3.95 13.12 -16.00
CA ALA A 161 2.94 13.87 -16.74
C ALA A 161 2.48 15.13 -15.99
N SER A 162 2.37 15.04 -14.66
CA SER A 162 1.97 16.15 -13.80
C SER A 162 3.10 17.15 -13.59
N CYS A 163 4.33 16.69 -13.63
CA CYS A 163 5.51 17.55 -13.55
C CYS A 163 5.55 18.43 -14.81
N ALA A 164 5.25 17.85 -15.98
CA ALA A 164 5.18 18.56 -17.25
C ALA A 164 4.06 19.61 -17.19
N ALA A 165 2.85 19.26 -16.69
CA ALA A 165 1.71 20.20 -16.60
C ALA A 165 2.02 21.38 -15.70
N LEU A 166 2.75 21.16 -14.60
CA LEU A 166 3.12 22.26 -13.70
C LEU A 166 4.06 23.25 -14.44
N VAL A 167 4.93 22.75 -15.35
CA VAL A 167 5.83 23.60 -16.14
C VAL A 167 5.06 24.39 -17.16
N LYS A 168 4.16 23.72 -17.92
CA LYS A 168 3.33 24.39 -18.93
C LYS A 168 2.52 25.53 -18.31
N ALA A 169 2.02 25.34 -17.10
CA ALA A 169 1.25 26.37 -16.41
C ALA A 169 2.09 27.53 -15.83
N GLY A 170 3.41 27.45 -15.93
CA GLY A 170 4.31 28.45 -15.37
C GLY A 170 4.38 28.42 -13.86
N LYS A 171 4.03 27.28 -13.23
CA LYS A 171 4.09 27.16 -11.78
C LYS A 171 5.50 26.91 -11.27
N VAL A 172 6.32 26.26 -12.09
CA VAL A 172 7.71 25.91 -11.84
C VAL A 172 8.48 26.17 -13.15
N TYR A 173 9.80 26.22 -13.06
CA TYR A 173 10.66 26.47 -14.17
C TYR A 173 10.85 25.18 -15.01
N ALA A 174 11.04 24.06 -14.33
CA ALA A 174 11.37 22.80 -15.01
C ALA A 174 10.88 21.58 -14.22
N ALA A 175 10.75 20.43 -14.91
CA ALA A 175 10.43 19.15 -14.35
C ALA A 175 11.80 18.50 -14.13
N ALA A 176 12.11 18.10 -12.91
CA ALA A 176 13.38 17.45 -12.57
C ALA A 176 13.16 15.93 -12.38
N THR A 177 13.58 15.15 -13.36
CA THR A 177 13.44 13.70 -13.36
C THR A 177 14.47 13.09 -14.32
N GLU A 178 14.75 11.82 -14.13
CA GLU A 178 15.59 11.07 -15.05
C GLU A 178 14.78 10.51 -16.24
N ASP A 179 13.44 10.56 -16.16
CA ASP A 179 12.55 10.04 -17.17
C ASP A 179 12.40 10.93 -18.39
N MET A 180 12.92 10.46 -19.53
CA MET A 180 12.79 11.17 -20.79
C MET A 180 11.32 11.27 -21.27
N ASP A 181 10.43 10.34 -20.88
CA ASP A 181 9.04 10.42 -21.37
C ASP A 181 8.26 11.69 -20.80
N CYS A 182 8.93 12.49 -19.97
CA CYS A 182 8.47 13.78 -19.50
C CYS A 182 8.41 14.77 -20.71
N LEU A 183 9.37 14.66 -21.66
CA LEU A 183 9.37 15.43 -22.89
C LEU A 183 8.18 14.96 -23.75
N THR A 184 7.94 13.65 -23.84
CA THR A 184 6.83 13.05 -24.58
C THR A 184 5.49 13.56 -24.05
N PHE A 185 5.39 13.75 -22.73
CA PHE A 185 4.21 14.31 -22.05
C PHE A 185 4.07 15.86 -22.19
N GLY A 186 5.00 16.49 -22.91
CA GLY A 186 4.94 17.92 -23.21
C GLY A 186 5.66 18.88 -22.29
N SER A 187 6.59 18.40 -21.45
CA SER A 187 7.34 19.32 -20.58
C SER A 187 8.27 20.26 -21.41
N PRO A 188 8.04 21.58 -21.37
CA PRO A 188 8.91 22.48 -22.14
C PRO A 188 10.36 22.42 -21.69
N VAL A 189 10.58 22.19 -20.39
CA VAL A 189 11.94 22.10 -19.84
C VAL A 189 12.05 20.88 -18.95
N LEU A 190 13.13 20.13 -19.13
CA LEU A 190 13.42 18.95 -18.36
C LEU A 190 14.81 19.10 -17.78
N MET A 191 14.98 18.95 -16.46
CA MET A 191 16.30 19.01 -15.82
C MET A 191 16.67 17.63 -15.33
N ARG A 192 17.81 17.10 -15.75
CA ARG A 192 18.28 15.79 -15.30
C ARG A 192 19.51 15.90 -14.42
N HIS A 193 19.66 14.99 -13.46
CA HIS A 193 20.78 14.85 -12.52
C HIS A 193 20.70 15.81 -11.32
N LEU A 194 19.53 16.43 -11.06
CA LEU A 194 19.41 17.33 -9.91
C LEU A 194 19.56 16.61 -8.54
N THR A 195 19.21 15.31 -8.47
CA THR A 195 19.33 14.56 -7.23
C THR A 195 20.53 13.61 -7.21
N ALA A 196 21.49 13.75 -8.14
CA ALA A 196 22.66 12.87 -8.23
C ALA A 196 23.61 13.01 -7.05
N LEU A 202 29.22 16.59 -11.33
CA LEU A 202 28.22 16.31 -12.37
C LEU A 202 27.27 17.51 -12.62
N PRO A 203 27.30 18.13 -13.81
CA PRO A 203 26.39 19.26 -14.06
C PRO A 203 24.96 18.79 -14.38
N ILE A 204 24.01 19.72 -14.28
CA ILE A 204 22.61 19.47 -14.59
C ILE A 204 22.48 19.44 -16.12
N GLN A 205 21.77 18.46 -16.64
CA GLN A 205 21.51 18.34 -18.07
C GLN A 205 20.10 18.90 -18.32
N GLU A 206 19.97 19.93 -19.17
CA GLU A 206 18.68 20.58 -19.39
C GLU A 206 18.21 20.44 -20.83
N PHE A 207 17.00 19.93 -21.03
CA PHE A 207 16.46 19.69 -22.37
C PHE A 207 15.38 20.70 -22.64
N HIS A 208 15.36 21.24 -23.85
CA HIS A 208 14.33 22.19 -24.25
C HIS A 208 13.54 21.56 -25.37
N LEU A 209 12.28 21.24 -25.08
CA LEU A 209 11.38 20.58 -26.01
C LEU A 209 11.16 21.38 -27.29
N SER A 210 10.94 22.70 -27.19
CA SER A 210 10.73 23.53 -28.35
C SER A 210 11.86 23.39 -29.39
N ARG A 211 13.12 23.37 -28.92
CA ARG A 211 14.27 23.23 -29.78
C ARG A 211 14.29 21.84 -30.44
N ILE A 212 13.91 20.77 -29.69
CA ILE A 212 13.86 19.40 -30.23
C ILE A 212 12.88 19.32 -31.42
N LEU A 213 11.66 19.82 -31.22
CA LEU A 213 10.61 19.83 -32.22
C LEU A 213 10.98 20.62 -33.46
N GLN A 214 11.72 21.72 -33.27
CA GLN A 214 12.14 22.58 -34.36
C GLN A 214 13.17 21.86 -35.23
N GLU A 215 14.21 21.29 -34.63
CA GLU A 215 15.26 20.57 -35.36
C GLU A 215 14.80 19.31 -36.05
N LEU A 216 13.83 18.60 -35.50
CA LEU A 216 13.29 17.39 -36.13
C LEU A 216 12.21 17.72 -37.21
N GLY A 217 11.67 18.95 -37.19
CA GLY A 217 10.64 19.36 -38.12
C GLY A 217 9.31 18.67 -37.83
N LEU A 218 9.04 18.42 -36.53
CA LEU A 218 7.81 17.74 -36.11
C LEU A 218 7.05 18.54 -35.10
N ASN A 219 5.74 18.40 -35.08
CA ASN A 219 4.92 19.00 -34.02
C ASN A 219 4.84 17.96 -32.82
N GLN A 220 4.21 18.33 -31.67
CA GLN A 220 4.08 17.44 -30.52
C GLN A 220 3.39 16.10 -30.83
N GLU A 221 2.30 16.10 -31.63
CA GLU A 221 1.59 14.88 -32.03
C GLU A 221 2.55 13.93 -32.75
N GLN A 222 3.35 14.44 -33.69
CA GLN A 222 4.30 13.64 -34.47
C GLN A 222 5.50 13.16 -33.64
N PHE A 223 5.92 13.97 -32.66
CA PHE A 223 6.99 13.62 -31.74
C PHE A 223 6.53 12.47 -30.82
N VAL A 224 5.27 12.48 -30.39
CA VAL A 224 4.69 11.41 -29.57
C VAL A 224 4.71 10.09 -30.36
N ASP A 225 4.42 10.14 -31.68
CA ASP A 225 4.47 8.95 -32.54
C ASP A 225 5.91 8.47 -32.78
N LEU A 226 6.88 9.40 -32.84
CA LEU A 226 8.28 9.01 -32.97
C LEU A 226 8.71 8.27 -31.68
N CYS A 227 8.32 8.82 -30.52
CA CYS A 227 8.64 8.21 -29.24
C CYS A 227 8.05 6.80 -29.08
N ILE A 228 6.87 6.56 -29.71
CA ILE A 228 6.23 5.25 -29.72
C ILE A 228 7.07 4.23 -30.53
N LEU A 229 7.56 4.65 -31.71
CA LEU A 229 8.42 3.83 -32.58
C LEU A 229 9.80 3.60 -31.95
N LEU A 230 10.28 4.54 -31.13
CA LEU A 230 11.57 4.39 -30.44
C LEU A 230 11.49 3.32 -29.35
N GLY A 231 10.36 3.25 -28.67
CA GLY A 231 10.09 2.29 -27.62
C GLY A 231 9.67 2.97 -26.34
N SER A 232 8.40 2.83 -25.95
CA SER A 232 7.86 3.40 -24.72
C SER A 232 7.39 2.26 -23.77
N ASP A 233 7.07 2.60 -22.52
CA ASP A 233 6.56 1.61 -21.55
C ASP A 233 5.12 1.18 -21.86
N TYR A 234 4.41 1.87 -22.75
CA TYR A 234 2.99 1.66 -22.96
C TYR A 234 2.61 0.77 -24.10
N CYS A 235 3.49 0.57 -25.04
CA CYS A 235 3.21 -0.34 -26.14
C CYS A 235 4.49 -0.77 -26.87
N GLU A 236 4.37 -1.71 -27.80
CA GLU A 236 5.50 -2.19 -28.56
C GLU A 236 5.90 -1.17 -29.64
N SER A 237 7.06 -1.37 -30.25
CA SER A 237 7.51 -0.58 -31.37
C SER A 237 7.72 -1.55 -32.53
N ILE A 238 7.71 -1.05 -33.78
CA ILE A 238 7.87 -1.92 -34.93
C ILE A 238 9.23 -2.59 -34.93
N ARG A 239 9.25 -3.94 -34.95
CA ARG A 239 10.49 -4.69 -34.99
C ARG A 239 11.11 -4.49 -36.37
N GLY A 240 12.37 -4.10 -36.42
CA GLY A 240 13.04 -3.85 -37.68
C GLY A 240 13.20 -2.38 -38.02
N ILE A 241 12.41 -1.50 -37.39
CA ILE A 241 12.52 -0.06 -37.63
C ILE A 241 13.23 0.58 -36.45
N GLY A 242 14.51 0.89 -36.65
CA GLY A 242 15.37 1.47 -35.63
C GLY A 242 15.25 2.97 -35.52
N PRO A 243 16.08 3.57 -34.66
CA PRO A 243 15.96 5.01 -34.40
C PRO A 243 16.15 5.95 -35.58
N LYS A 244 17.06 5.64 -36.53
CA LYS A 244 17.28 6.54 -37.67
C LYS A 244 16.15 6.39 -38.68
N ARG A 245 15.76 5.15 -38.96
CA ARG A 245 14.63 4.83 -39.85
C ARG A 245 13.32 5.48 -39.32
N ALA A 246 13.07 5.39 -37.99
CA ALA A 246 11.87 5.97 -37.38
C ALA A 246 11.74 7.49 -37.58
N VAL A 247 12.84 8.26 -37.39
CA VAL A 247 12.83 9.74 -37.55
C VAL A 247 12.41 10.07 -38.97
N ASP A 248 13.01 9.38 -39.96
CA ASP A 248 12.76 9.52 -41.38
C ASP A 248 11.28 9.26 -41.73
N LEU A 249 10.74 8.10 -41.31
CA LEU A 249 9.37 7.68 -41.54
C LEU A 249 8.37 8.64 -40.90
N ILE A 250 8.70 9.22 -39.73
CA ILE A 250 7.83 10.20 -39.10
C ILE A 250 7.93 11.56 -39.83
N GLN A 251 9.12 11.94 -40.31
CA GLN A 251 9.30 13.19 -41.06
C GLN A 251 8.52 13.15 -42.38
N LYS A 252 8.59 12.01 -43.10
CA LYS A 252 7.85 11.88 -44.35
C LYS A 252 6.33 11.69 -44.16
N HIS A 253 5.90 10.72 -43.32
CA HIS A 253 4.49 10.35 -43.24
C HIS A 253 3.69 10.93 -42.06
N LYS A 254 4.36 11.57 -41.10
CA LYS A 254 3.79 12.28 -39.94
C LYS A 254 3.16 11.41 -38.85
N SER A 255 2.44 10.34 -39.21
CA SER A 255 1.75 9.51 -38.24
C SER A 255 2.07 8.03 -38.42
N ILE A 256 1.73 7.20 -37.42
CA ILE A 256 1.95 5.76 -37.47
C ILE A 256 0.95 5.11 -38.44
N GLU A 257 -0.33 5.55 -38.42
CA GLU A 257 -1.36 5.05 -39.34
C GLU A 257 -0.91 5.21 -40.81
N GLU A 258 -0.19 6.31 -41.12
CA GLU A 258 0.30 6.56 -42.46
C GLU A 258 1.49 5.67 -42.80
N ILE A 259 2.33 5.35 -41.81
CA ILE A 259 3.49 4.50 -42.03
C ILE A 259 3.06 3.04 -42.26
N VAL A 260 2.15 2.54 -41.43
CA VAL A 260 1.68 1.16 -41.55
C VAL A 260 0.97 0.88 -42.89
N ARG A 261 0.19 1.86 -43.38
CA ARG A 261 -0.49 1.72 -44.66
C ARG A 261 0.46 1.74 -45.88
N ARG A 262 1.77 1.88 -45.66
CA ARG A 262 2.75 1.89 -46.76
C ARG A 262 3.90 0.88 -46.55
N LEU A 263 4.01 0.26 -45.37
CA LEU A 263 5.06 -0.72 -45.10
C LEU A 263 4.75 -2.06 -45.73
N ASP A 264 5.80 -2.78 -46.18
CA ASP A 264 5.63 -4.11 -46.74
C ASP A 264 5.31 -5.01 -45.55
N PRO A 265 4.10 -5.59 -45.49
CA PRO A 265 3.75 -6.43 -44.32
C PRO A 265 4.55 -7.71 -44.15
N ASN A 266 5.32 -8.09 -45.17
CA ASN A 266 6.17 -9.29 -45.12
C ASN A 266 7.60 -8.94 -44.67
N LYS A 267 8.06 -7.69 -44.94
CA LYS A 267 9.36 -7.21 -44.52
C LYS A 267 9.21 -6.70 -43.08
N TYR A 268 8.18 -5.86 -42.81
CA TYR A 268 7.93 -5.29 -41.49
C TYR A 268 6.53 -5.51 -40.96
N PRO A 269 6.31 -6.65 -40.28
CA PRO A 269 4.99 -6.87 -39.65
C PRO A 269 4.81 -6.03 -38.38
N VAL A 270 3.65 -5.41 -38.23
CA VAL A 270 3.36 -4.59 -37.05
C VAL A 270 2.99 -5.50 -35.86
N PRO A 271 3.17 -5.02 -34.61
CA PRO A 271 2.83 -5.87 -33.46
C PRO A 271 1.35 -6.30 -33.46
N GLU A 272 1.10 -7.54 -33.00
CA GLU A 272 -0.27 -8.08 -32.95
C GLU A 272 -1.02 -7.37 -31.81
N ASN A 273 -2.22 -6.83 -32.09
CA ASN A 273 -3.04 -6.08 -31.12
C ASN A 273 -2.26 -4.87 -30.60
N TRP A 274 -1.71 -4.06 -31.52
CA TRP A 274 -0.89 -2.91 -31.17
C TRP A 274 -1.66 -1.76 -30.52
N LEU A 275 -1.31 -1.40 -29.27
CA LEU A 275 -1.99 -0.32 -28.54
C LEU A 275 -1.41 1.08 -28.79
N HIS A 276 -0.80 1.34 -29.96
CA HIS A 276 -0.18 2.62 -30.32
C HIS A 276 -1.16 3.81 -30.30
N LYS A 277 -2.44 3.59 -30.62
CA LYS A 277 -3.44 4.67 -30.59
C LYS A 277 -3.76 5.06 -29.16
N GLU A 278 -3.88 4.07 -28.28
CA GLU A 278 -4.17 4.27 -26.87
C GLU A 278 -2.99 4.95 -26.14
N ALA A 279 -1.75 4.59 -26.52
CA ALA A 279 -0.52 5.17 -25.99
C ALA A 279 -0.37 6.63 -26.46
N HIS A 280 -0.76 6.92 -27.72
CA HIS A 280 -0.70 8.24 -28.29
C HIS A 280 -1.61 9.21 -27.54
N GLN A 281 -2.88 8.82 -27.31
CA GLN A 281 -3.88 9.60 -26.57
C GLN A 281 -3.40 9.83 -25.13
N LEU A 282 -2.81 8.81 -24.52
CA LEU A 282 -2.27 8.86 -23.18
C LEU A 282 -1.18 9.93 -23.07
N PHE A 283 -0.29 10.02 -24.07
CA PHE A 283 0.78 11.02 -24.03
C PHE A 283 0.26 12.42 -24.35
N LEU A 284 -0.70 12.55 -25.29
CA LEU A 284 -1.25 13.86 -25.68
C LEU A 284 -2.22 14.47 -24.67
N GLU A 285 -3.14 13.66 -24.14
CA GLU A 285 -4.07 14.13 -23.12
C GLU A 285 -3.96 13.26 -21.87
N PRO A 286 -2.83 13.31 -21.14
CA PRO A 286 -2.71 12.48 -19.91
C PRO A 286 -3.54 13.00 -18.75
N GLU A 287 -3.75 12.15 -17.75
CA GLU A 287 -4.47 12.57 -16.57
C GLU A 287 -3.45 13.30 -15.71
N VAL A 288 -3.68 14.59 -15.48
CA VAL A 288 -2.75 15.40 -14.72
C VAL A 288 -3.46 16.16 -13.60
N LEU A 289 -2.69 16.62 -12.59
CA LEU A 289 -3.27 17.40 -11.50
C LEU A 289 -3.64 18.81 -11.99
N ASP A 290 -4.53 19.49 -11.28
CA ASP A 290 -4.94 20.85 -11.60
C ASP A 290 -3.86 21.76 -11.05
N PRO A 291 -3.08 22.47 -11.90
CA PRO A 291 -2.01 23.33 -11.37
C PRO A 291 -2.50 24.53 -10.57
N GLU A 292 -3.73 24.99 -10.86
CA GLU A 292 -4.30 26.13 -10.16
C GLU A 292 -4.88 25.76 -8.77
N SER A 293 -5.18 24.48 -8.55
CA SER A 293 -5.62 24.01 -7.23
C SER A 293 -4.44 24.01 -6.21
N VAL A 294 -3.20 24.04 -6.72
CA VAL A 294 -1.93 23.98 -5.99
C VAL A 294 -1.43 25.35 -5.50
N GLU A 295 -1.28 25.53 -4.17
CA GLU A 295 -0.72 26.79 -3.65
C GLU A 295 0.56 26.51 -2.86
N LEU A 296 1.69 26.43 -3.59
CA LEU A 296 3.00 26.06 -3.08
C LEU A 296 3.58 26.91 -1.95
N LYS A 297 3.85 26.24 -0.82
CA LYS A 297 4.46 26.88 0.33
C LYS A 297 5.69 26.09 0.78
N TRP A 298 6.76 26.80 1.17
CA TRP A 298 7.97 26.21 1.74
C TRP A 298 8.01 26.70 3.16
N SER A 299 7.98 25.80 4.15
CA SER A 299 7.96 26.23 5.54
C SER A 299 9.21 25.76 6.35
N GLU A 300 9.36 26.27 7.57
CA GLU A 300 10.49 25.98 8.43
C GLU A 300 10.51 24.51 8.86
N PRO A 301 11.67 23.84 8.74
CA PRO A 301 11.75 22.44 9.18
C PRO A 301 11.53 22.29 10.68
N ASN A 302 10.92 21.20 11.10
CA ASN A 302 10.64 20.94 12.51
C ASN A 302 11.75 20.03 13.04
N GLU A 303 12.81 20.63 13.60
CA GLU A 303 14.00 19.93 14.11
C GLU A 303 13.70 18.86 15.15
N GLU A 304 12.80 19.14 16.09
CA GLU A 304 12.46 18.19 17.15
C GLU A 304 11.75 16.96 16.61
N GLU A 305 10.78 17.13 15.69
CA GLU A 305 10.10 15.98 15.10
C GLU A 305 10.96 15.25 14.07
N LEU A 306 11.92 15.97 13.43
CA LEU A 306 12.86 15.38 12.49
C LEU A 306 13.86 14.44 13.18
N ILE A 307 14.36 14.83 14.37
CA ILE A 307 15.30 13.99 15.13
C ILE A 307 14.55 12.75 15.65
N LYS A 308 13.34 12.94 16.19
CA LYS A 308 12.55 11.85 16.71
C LYS A 308 12.22 10.80 15.64
N PHE A 309 12.03 11.23 14.39
CA PHE A 309 11.69 10.31 13.32
C PHE A 309 12.92 9.66 12.69
N MET A 310 13.90 10.47 12.28
CA MET A 310 15.10 9.97 11.64
C MET A 310 16.00 9.19 12.57
N CYS A 311 16.23 9.70 13.80
CA CYS A 311 17.10 9.04 14.75
C CYS A 311 16.36 8.04 15.64
N GLY A 312 15.33 8.51 16.34
CA GLY A 312 14.55 7.69 17.24
C GLY A 312 13.89 6.50 16.59
N GLU A 313 13.27 6.71 15.42
CA GLU A 313 12.59 5.62 14.71
C GLU A 313 13.44 4.98 13.60
N LYS A 314 14.18 5.76 12.78
CA LYS A 314 14.93 5.18 11.66
C LYS A 314 16.42 4.96 11.92
N GLN A 315 16.88 5.04 13.18
CA GLN A 315 18.28 4.81 13.60
C GLN A 315 19.35 5.66 12.86
N PHE A 316 19.02 6.89 12.47
CA PHE A 316 20.01 7.77 11.82
C PHE A 316 20.85 8.46 12.91
N SER A 317 22.06 8.92 12.55
CA SER A 317 22.94 9.59 13.50
C SER A 317 22.36 10.95 13.87
N GLU A 318 22.14 11.18 15.17
CA GLU A 318 21.61 12.43 15.69
C GLU A 318 22.44 13.65 15.28
N GLU A 319 23.77 13.52 15.29
CA GLU A 319 24.63 14.64 14.92
C GLU A 319 24.54 14.97 13.43
N ARG A 320 24.49 13.95 12.56
CA ARG A 320 24.38 14.15 11.11
C ARG A 320 23.00 14.71 10.70
N ILE A 321 21.95 14.33 11.45
CA ILE A 321 20.62 14.85 11.17
C ILE A 321 20.53 16.31 11.61
N ARG A 322 20.90 16.59 12.89
CA ARG A 322 20.90 17.93 13.50
C ARG A 322 21.63 18.97 12.66
N SER A 323 22.74 18.54 12.05
CA SER A 323 23.58 19.37 11.17
C SER A 323 22.85 19.71 9.87
N GLY A 324 22.16 18.72 9.27
CA GLY A 324 21.40 18.87 8.04
C GLY A 324 20.22 19.80 8.20
N VAL A 325 19.48 19.64 9.31
CA VAL A 325 18.36 20.51 9.63
C VAL A 325 18.82 21.96 9.81
N LYS A 326 20.02 22.17 10.39
CA LYS A 326 20.62 23.47 10.60
C LYS A 326 20.93 24.14 9.25
N ARG A 327 21.56 23.39 8.32
CA ARG A 327 21.87 23.87 6.98
C ARG A 327 20.60 24.26 6.21
N LEU A 328 19.52 23.50 6.40
CA LEU A 328 18.22 23.69 5.78
C LEU A 328 17.48 24.91 6.34
N SER A 329 17.62 25.15 7.64
CA SER A 329 17.00 26.28 8.30
C SER A 329 17.64 27.58 7.81
N LYS A 330 18.98 27.57 7.70
CA LYS A 330 19.80 28.69 7.25
C LYS A 330 19.51 29.01 5.78
N SER A 331 19.28 27.99 4.96
CA SER A 331 18.99 28.14 3.54
C SER A 331 17.72 28.97 3.28
N ARG A 332 16.74 28.90 4.19
CA ARG A 332 15.52 29.66 4.04
C ARG A 332 15.73 31.12 4.41
N GLN A 333 16.26 31.38 5.61
CA GLN A 333 16.52 32.74 6.10
C GLN A 333 17.79 33.32 5.48
N GLY B 2 -6.77 -17.58 11.99
CA GLY B 2 -7.58 -18.19 13.03
C GLY B 2 -6.98 -19.47 13.54
N ILE B 3 -7.69 -20.16 14.43
CA ILE B 3 -7.21 -21.43 14.96
C ILE B 3 -8.16 -22.43 14.43
N GLN B 4 -7.64 -23.41 13.70
CA GLN B 4 -8.49 -24.42 13.08
C GLN B 4 -9.29 -25.28 14.08
N GLY B 5 -10.61 -25.18 14.03
CA GLY B 5 -11.46 -25.98 14.89
C GLY B 5 -11.75 -25.48 16.29
N LEU B 6 -11.15 -24.37 16.69
CA LEU B 6 -11.28 -23.85 18.05
C LEU B 6 -12.72 -23.51 18.47
N ALA B 7 -13.52 -22.82 17.61
CA ALA B 7 -14.89 -22.47 17.97
C ALA B 7 -15.74 -23.72 18.20
N LYS B 8 -15.55 -24.76 17.37
CA LYS B 8 -16.25 -26.03 17.47
C LYS B 8 -15.85 -26.79 18.75
N LEU B 9 -14.55 -26.77 19.07
CA LEU B 9 -14.00 -27.39 20.28
C LEU B 9 -14.57 -26.74 21.55
N ILE B 10 -14.59 -25.41 21.61
CA ILE B 10 -15.14 -24.68 22.75
C ILE B 10 -16.64 -24.99 22.98
N ALA B 11 -17.43 -25.06 21.90
CA ALA B 11 -18.85 -25.37 22.03
C ALA B 11 -19.09 -26.82 22.58
N ASP B 12 -18.09 -27.72 22.42
CA ASP B 12 -18.13 -29.09 22.92
C ASP B 12 -17.70 -29.17 24.40
N VAL B 13 -16.44 -28.82 24.68
CA VAL B 13 -15.73 -28.93 25.95
C VAL B 13 -16.03 -27.83 26.97
N ALA B 14 -16.38 -26.63 26.49
CA ALA B 14 -16.65 -25.50 27.37
C ALA B 14 -17.90 -24.72 26.92
N PRO B 15 -19.08 -25.36 26.79
CA PRO B 15 -20.26 -24.63 26.28
C PRO B 15 -20.61 -23.34 27.02
N SER B 16 -20.43 -23.32 28.34
CA SER B 16 -20.72 -22.16 29.20
C SER B 16 -19.85 -20.94 28.85
N ALA B 17 -18.67 -21.16 28.24
CA ALA B 17 -17.78 -20.08 27.81
C ALA B 17 -18.42 -19.21 26.71
N ILE B 18 -19.37 -19.76 25.93
CA ILE B 18 -20.04 -19.04 24.85
C ILE B 18 -21.44 -18.61 25.29
N ARG B 19 -21.94 -17.48 24.75
CA ARG B 19 -23.26 -16.98 25.13
C ARG B 19 -23.78 -16.03 24.05
N GLU B 20 -25.02 -16.25 23.60
CA GLU B 20 -25.67 -15.41 22.59
C GLU B 20 -26.49 -14.34 23.29
N ASN B 21 -25.99 -13.12 23.30
CA ASN B 21 -26.72 -12.01 23.88
C ASN B 21 -27.30 -11.15 22.72
N ASP B 22 -28.39 -10.43 22.97
CA ASP B 22 -28.99 -9.58 21.93
C ASP B 22 -28.17 -8.29 21.82
N ILE B 23 -28.10 -7.69 20.61
CA ILE B 23 -27.35 -6.43 20.39
C ILE B 23 -27.87 -5.25 21.26
N LYS B 24 -29.02 -5.43 21.96
CA LYS B 24 -29.60 -4.46 22.90
C LYS B 24 -28.94 -4.54 24.30
N SER B 25 -28.28 -5.66 24.62
CA SER B 25 -27.63 -5.85 25.92
C SER B 25 -26.28 -5.12 26.06
N TYR B 26 -25.78 -4.53 24.96
CA TYR B 26 -24.49 -3.87 24.89
C TYR B 26 -24.55 -2.35 24.90
N PHE B 27 -25.69 -1.76 25.30
CA PHE B 27 -25.82 -0.31 25.35
C PHE B 27 -24.77 0.33 26.26
N GLY B 28 -24.00 1.25 25.72
CA GLY B 28 -22.97 1.95 26.49
C GLY B 28 -21.59 1.34 26.40
N ARG B 29 -21.50 0.07 25.97
CA ARG B 29 -20.21 -0.62 25.89
C ARG B 29 -19.30 -0.17 24.72
N LYS B 30 -18.01 -0.12 25.01
CA LYS B 30 -16.99 0.24 24.03
C LYS B 30 -16.36 -1.06 23.49
N VAL B 31 -16.20 -1.15 22.15
CA VAL B 31 -15.64 -2.38 21.56
C VAL B 31 -14.49 -2.03 20.63
N ALA B 32 -13.43 -2.83 20.65
CA ALA B 32 -12.29 -2.62 19.75
C ALA B 32 -12.54 -3.58 18.61
N ILE B 33 -12.76 -3.10 17.39
CA ILE B 33 -13.05 -3.96 16.25
C ILE B 33 -11.82 -4.18 15.41
N ASP B 34 -11.61 -5.40 14.97
CA ASP B 34 -10.51 -5.73 14.08
C ASP B 34 -10.93 -5.24 12.69
N ALA B 35 -10.49 -4.04 12.26
CA ALA B 35 -10.92 -3.47 10.97
C ALA B 35 -10.45 -4.27 9.77
N SER B 36 -9.25 -4.85 9.84
CA SER B 36 -8.72 -5.63 8.73
C SER B 36 -9.57 -6.88 8.45
N MET B 37 -9.92 -7.66 9.51
CA MET B 37 -10.78 -8.82 9.40
C MET B 37 -12.20 -8.39 8.98
N SER B 38 -12.70 -7.26 9.52
CA SER B 38 -14.02 -6.72 9.16
C SER B 38 -14.12 -6.42 7.67
N ILE B 39 -13.14 -5.72 7.10
CA ILE B 39 -13.13 -5.34 5.69
C ILE B 39 -13.08 -6.59 4.83
N TYR B 40 -12.21 -7.53 5.21
CA TYR B 40 -12.07 -8.82 4.58
C TYR B 40 -13.44 -9.57 4.55
N GLN B 41 -14.20 -9.56 5.66
CA GLN B 41 -15.51 -10.19 5.73
C GLN B 41 -16.52 -9.45 4.87
N PHE B 42 -16.45 -8.11 4.78
CA PHE B 42 -17.38 -7.37 3.91
C PHE B 42 -17.10 -7.73 2.46
N LEU B 43 -15.82 -7.90 2.08
CA LEU B 43 -15.44 -8.19 0.71
C LEU B 43 -15.79 -9.60 0.28
N ILE B 44 -15.72 -10.59 1.18
CA ILE B 44 -16.01 -11.98 0.82
C ILE B 44 -17.50 -12.35 0.87
N ALA B 45 -18.33 -11.49 1.46
CA ALA B 45 -19.74 -11.77 1.59
C ALA B 45 -20.48 -11.78 0.26
N VAL B 46 -21.57 -12.61 0.18
CA VAL B 46 -22.40 -12.75 -1.02
C VAL B 46 -23.70 -11.98 -0.79
N GLU B 59 -14.80 -1.35 -9.72
CA GLU B 59 -14.45 -2.19 -8.56
C GLU B 59 -15.51 -2.17 -7.46
N THR B 60 -15.48 -3.18 -6.57
CA THR B 60 -16.45 -3.30 -5.50
C THR B 60 -16.37 -2.14 -4.48
N THR B 61 -17.51 -1.84 -3.89
CA THR B 61 -17.61 -0.88 -2.80
C THR B 61 -18.13 -1.56 -1.53
N SER B 62 -18.23 -2.91 -1.47
CA SER B 62 -18.80 -3.61 -0.31
C SER B 62 -18.10 -3.33 1.01
N HIS B 63 -16.80 -3.00 0.97
CA HIS B 63 -16.03 -2.62 2.15
C HIS B 63 -16.56 -1.28 2.74
N LEU B 64 -17.00 -0.35 1.87
CA LEU B 64 -17.57 0.91 2.29
C LEU B 64 -19.02 0.77 2.70
N MET B 65 -19.78 -0.10 2.01
CA MET B 65 -21.17 -0.34 2.39
C MET B 65 -21.23 -0.95 3.78
N GLY B 66 -20.38 -1.96 4.03
CA GLY B 66 -20.28 -2.62 5.31
C GLY B 66 -19.80 -1.66 6.37
N MET B 67 -18.70 -0.94 6.12
CA MET B 67 -18.14 -0.02 7.12
C MET B 67 -19.13 1.06 7.50
N PHE B 68 -19.90 1.56 6.52
CA PHE B 68 -20.88 2.58 6.77
C PHE B 68 -22.10 2.07 7.54
N TYR B 69 -22.92 1.20 6.93
CA TYR B 69 -24.16 0.76 7.52
C TYR B 69 -24.00 -0.09 8.78
N ARG B 70 -22.99 -0.99 8.85
CA ARG B 70 -22.81 -1.86 10.04
C ARG B 70 -22.36 -1.09 11.26
N THR B 71 -21.59 -0.02 11.06
CA THR B 71 -21.13 0.85 12.13
C THR B 71 -22.31 1.65 12.64
N ILE B 72 -23.15 2.22 11.74
CA ILE B 72 -24.37 2.93 12.13
C ILE B 72 -25.33 2.01 12.89
N ARG B 73 -25.45 0.75 12.47
CA ARG B 73 -26.33 -0.21 13.12
C ARG B 73 -25.88 -0.44 14.59
N MET B 74 -24.56 -0.53 14.81
CA MET B 74 -23.91 -0.73 16.09
C MET B 74 -24.11 0.54 16.95
N MET B 75 -23.91 1.72 16.36
CA MET B 75 -24.07 3.03 16.99
C MET B 75 -25.49 3.18 17.51
N GLU B 76 -26.48 2.78 16.70
CA GLU B 76 -27.89 2.82 17.07
C GLU B 76 -28.21 1.98 18.32
N ASN B 77 -27.43 0.93 18.57
CA ASN B 77 -27.64 0.05 19.71
C ASN B 77 -26.78 0.41 20.94
N GLY B 78 -26.23 1.63 20.96
CA GLY B 78 -25.42 2.14 22.05
C GLY B 78 -23.96 1.73 22.06
N ILE B 79 -23.54 0.90 21.10
CA ILE B 79 -22.17 0.42 21.04
C ILE B 79 -21.23 1.52 20.54
N LYS B 80 -20.11 1.76 21.24
CA LYS B 80 -19.13 2.78 20.84
C LYS B 80 -17.87 2.11 20.31
N PRO B 81 -17.72 2.01 18.98
CA PRO B 81 -16.58 1.29 18.42
C PRO B 81 -15.30 2.06 18.16
N VAL B 82 -14.19 1.32 18.14
CA VAL B 82 -12.93 1.87 17.72
C VAL B 82 -12.32 0.81 16.79
N TYR B 83 -12.04 1.20 15.54
CA TYR B 83 -11.50 0.27 14.56
C TYR B 83 -9.99 0.21 14.67
N VAL B 84 -9.42 -0.99 14.69
CA VAL B 84 -7.98 -1.18 14.80
C VAL B 84 -7.49 -1.78 13.50
N PHE B 85 -6.58 -1.09 12.82
CA PHE B 85 -6.04 -1.57 11.56
C PHE B 85 -4.73 -2.32 11.77
N ASP B 86 -4.49 -3.36 10.99
CA ASP B 86 -3.25 -4.14 11.01
C ASP B 86 -2.04 -3.25 10.70
N GLY B 87 -0.90 -3.69 11.17
CA GLY B 87 0.41 -3.14 10.85
C GLY B 87 1.25 -4.20 10.18
N LYS B 88 2.57 -4.09 10.26
CA LYS B 88 3.49 -5.03 9.61
C LYS B 88 3.31 -6.42 10.17
N PRO B 89 3.37 -7.45 9.32
CA PRO B 89 3.16 -8.81 9.83
C PRO B 89 4.25 -9.25 10.80
N PRO B 90 3.92 -10.11 11.78
CA PRO B 90 4.96 -10.61 12.70
C PRO B 90 6.01 -11.42 11.95
N GLN B 91 7.30 -11.22 12.25
CA GLN B 91 8.36 -11.98 11.61
C GLN B 91 8.82 -13.01 12.60
N LEU B 92 8.71 -14.30 12.26
CA LEU B 92 9.08 -15.35 13.21
C LEU B 92 10.53 -15.84 13.06
N LYS B 93 10.97 -16.03 11.81
CA LYS B 93 12.31 -16.55 11.52
C LYS B 93 13.31 -15.46 11.12
N SER B 94 14.46 -15.40 11.83
CA SER B 94 15.53 -14.47 11.48
C SER B 94 16.21 -15.07 10.25
N GLY B 95 16.26 -14.31 9.15
CA GLY B 95 16.85 -14.80 7.91
C GLY B 95 15.99 -14.57 6.69
N GLU B 96 14.66 -14.58 6.88
CA GLU B 96 13.69 -14.38 5.79
C GLU B 96 12.61 -13.35 6.19
N LEU B 97 11.91 -12.79 5.20
CA LEU B 97 10.89 -11.79 5.48
C LEU B 97 9.50 -12.28 5.13
N ALA B 98 8.70 -12.68 6.13
CA ALA B 98 7.33 -13.16 5.94
C ALA B 98 6.39 -12.08 5.39
N LYS B 99 5.59 -12.44 4.39
CA LYS B 99 4.62 -11.56 3.74
C LYS B 99 3.21 -12.16 3.89
N ARG B 100 2.17 -11.31 4.09
CA ARG B 100 0.79 -11.84 4.24
C ARG B 100 0.27 -12.52 2.97
N SER B 101 0.83 -12.16 1.81
CA SER B 101 0.48 -12.76 0.54
C SER B 101 0.86 -14.23 0.45
N GLU B 102 1.77 -14.73 1.33
CA GLU B 102 2.18 -16.13 1.36
C GLU B 102 1.07 -17.02 1.90
N ARG B 103 0.20 -16.48 2.77
CA ARG B 103 -0.95 -17.19 3.31
C ARG B 103 -1.99 -17.32 2.19
N ARG B 104 -2.21 -16.26 1.40
CA ARG B 104 -3.15 -16.29 0.27
C ARG B 104 -2.66 -17.23 -0.85
N ALA B 105 -1.33 -17.42 -0.98
CA ALA B 105 -0.73 -18.33 -1.95
C ALA B 105 -0.92 -19.78 -1.48
N GLU B 106 -0.77 -20.04 -0.17
CA GLU B 106 -1.03 -21.36 0.40
C GLU B 106 -2.52 -21.72 0.22
N ALA B 107 -3.42 -20.72 0.30
CA ALA B 107 -4.86 -20.90 0.11
C ALA B 107 -5.19 -21.26 -1.35
N GLU B 108 -4.39 -20.77 -2.30
CA GLU B 108 -4.51 -21.03 -3.73
C GLU B 108 -4.14 -22.49 -4.05
N LYS B 109 -3.22 -23.08 -3.26
CA LYS B 109 -2.79 -24.47 -3.45
C LYS B 109 -3.92 -25.40 -2.98
N GLN B 110 -4.46 -25.13 -1.78
CA GLN B 110 -5.55 -25.91 -1.21
C GLN B 110 -6.90 -25.70 -1.94
N LEU B 111 -6.98 -24.73 -2.85
CA LEU B 111 -8.20 -24.46 -3.59
C LEU B 111 -8.27 -25.37 -4.81
N GLN B 112 -7.18 -25.45 -5.59
CA GLN B 112 -7.10 -26.24 -6.82
C GLN B 112 -7.16 -27.76 -6.57
N GLN B 113 -6.77 -28.21 -5.37
CA GLN B 113 -6.84 -29.62 -5.02
C GLN B 113 -8.31 -30.02 -4.87
N ALA B 114 -9.10 -29.18 -4.19
CA ALA B 114 -10.52 -29.43 -4.03
C ALA B 114 -11.30 -28.99 -5.30
N GLN B 121 -17.35 -28.20 -2.91
CA GLN B 121 -17.21 -28.85 -1.60
C GLN B 121 -16.55 -27.85 -0.60
N GLU B 122 -15.20 -27.92 -0.39
CA GLU B 122 -14.42 -26.97 0.43
C GLU B 122 -13.76 -25.88 -0.44
N VAL B 123 -14.14 -25.79 -1.73
CA VAL B 123 -13.66 -24.80 -2.68
C VAL B 123 -14.12 -23.39 -2.24
N GLU B 124 -15.30 -23.27 -1.61
CA GLU B 124 -15.77 -21.97 -1.15
C GLU B 124 -14.99 -21.48 0.06
N LYS B 125 -14.46 -22.39 0.89
CA LYS B 125 -13.64 -22.01 2.04
C LYS B 125 -12.31 -21.36 1.60
N PHE B 126 -11.65 -21.92 0.58
CA PHE B 126 -10.38 -21.37 0.12
C PHE B 126 -10.54 -20.25 -0.92
N THR B 127 -11.71 -20.15 -1.56
CA THR B 127 -11.95 -19.06 -2.52
C THR B 127 -11.95 -17.71 -1.78
N LYS B 128 -12.57 -17.67 -0.59
CA LYS B 128 -12.62 -16.45 0.23
C LYS B 128 -11.20 -16.10 0.70
N ARG B 129 -10.42 -17.10 1.10
CA ARG B 129 -9.06 -16.92 1.58
C ARG B 129 -8.12 -16.28 0.54
N LEU B 130 -8.53 -16.20 -0.73
CA LEU B 130 -7.76 -15.56 -1.78
C LEU B 130 -7.96 -14.03 -1.78
N VAL B 131 -9.08 -13.53 -1.23
CA VAL B 131 -9.37 -12.10 -1.21
C VAL B 131 -8.35 -11.30 -0.37
N LYS B 132 -7.82 -10.24 -0.98
CA LYS B 132 -6.83 -9.38 -0.37
C LYS B 132 -7.44 -8.04 0.06
N VAL B 133 -7.07 -7.55 1.24
CA VAL B 133 -7.46 -6.21 1.67
C VAL B 133 -6.32 -5.30 1.09
N THR B 134 -6.64 -4.48 0.08
CA THR B 134 -5.64 -3.65 -0.59
C THR B 134 -5.38 -2.36 0.19
N LYS B 135 -4.35 -1.59 -0.24
CA LYS B 135 -4.00 -0.27 0.30
C LYS B 135 -5.20 0.66 0.10
N GLN B 136 -5.81 0.65 -1.08
CA GLN B 136 -6.99 1.49 -1.36
C GLN B 136 -8.22 1.13 -0.45
N HIS B 137 -8.46 -0.15 -0.12
CA HIS B 137 -9.56 -0.51 0.80
C HIS B 137 -9.35 0.12 2.17
N ASN B 138 -8.12 0.05 2.68
CA ASN B 138 -7.72 0.58 3.98
C ASN B 138 -7.82 2.10 4.06
N ASP B 139 -7.33 2.82 3.01
CA ASP B 139 -7.36 4.27 2.92
C ASP B 139 -8.78 4.78 2.81
N GLU B 140 -9.61 4.20 1.92
CA GLU B 140 -10.99 4.63 1.77
C GLU B 140 -11.79 4.38 3.05
N CYS B 141 -11.53 3.25 3.72
CA CYS B 141 -12.22 2.94 4.98
C CYS B 141 -11.78 3.89 6.07
N LYS B 142 -10.48 4.24 6.15
CA LYS B 142 -9.99 5.23 7.12
C LYS B 142 -10.61 6.61 6.88
N HIS B 143 -10.73 7.00 5.60
CA HIS B 143 -11.32 8.27 5.19
C HIS B 143 -12.80 8.31 5.58
N LEU B 144 -13.51 7.18 5.37
CA LEU B 144 -14.91 7.09 5.72
C LEU B 144 -15.10 7.23 7.22
N LEU B 145 -14.28 6.55 8.01
CA LEU B 145 -14.37 6.63 9.46
C LEU B 145 -14.16 8.04 10.00
N SER B 146 -13.19 8.79 9.44
CA SER B 146 -12.95 10.18 9.83
C SER B 146 -14.20 11.03 9.55
N LEU B 147 -14.81 10.87 8.37
CA LEU B 147 -16.01 11.61 8.04
C LEU B 147 -17.16 11.24 8.94
N MET B 148 -17.26 9.97 9.36
CA MET B 148 -18.33 9.53 10.27
C MET B 148 -18.12 9.98 11.72
N GLY B 149 -16.91 10.41 12.08
CA GLY B 149 -16.52 10.81 13.42
C GLY B 149 -16.20 9.62 14.32
N ILE B 150 -15.68 8.52 13.72
CA ILE B 150 -15.38 7.28 14.46
C ILE B 150 -13.89 7.12 14.64
N PRO B 151 -13.39 6.85 15.85
CA PRO B 151 -11.93 6.71 16.01
C PRO B 151 -11.39 5.43 15.38
N TYR B 152 -10.14 5.49 15.01
CA TYR B 152 -9.40 4.35 14.51
C TYR B 152 -7.96 4.39 15.01
N LEU B 153 -7.35 3.24 15.14
CA LEU B 153 -5.99 3.11 15.62
C LEU B 153 -5.21 2.25 14.67
N ASP B 154 -3.92 2.50 14.56
CA ASP B 154 -3.04 1.68 13.78
C ASP B 154 -2.23 0.80 14.71
N ALA B 155 -2.43 -0.51 14.60
CA ALA B 155 -1.69 -1.45 15.42
C ALA B 155 -0.28 -1.58 14.86
N PRO B 156 0.74 -1.82 15.70
CA PRO B 156 2.09 -2.00 15.16
C PRO B 156 2.23 -3.33 14.39
N SER B 157 1.37 -4.33 14.68
CA SER B 157 1.40 -5.61 14.01
C SER B 157 -0.05 -6.17 13.85
N GLU B 158 -0.39 -7.41 14.31
CA GLU B 158 -1.77 -7.94 14.14
C GLU B 158 -2.78 -7.07 14.84
N ALA B 159 -3.87 -6.68 14.14
CA ALA B 159 -4.93 -5.88 14.78
C ALA B 159 -5.61 -6.66 15.91
N GLU B 160 -5.81 -7.98 15.75
CA GLU B 160 -6.48 -8.77 16.77
C GLU B 160 -5.67 -8.85 18.09
N ALA B 161 -4.34 -8.79 18.02
CA ALA B 161 -3.50 -8.80 19.19
C ALA B 161 -3.59 -7.45 19.93
N SER B 162 -3.74 -6.33 19.18
CA SER B 162 -3.91 -5.00 19.74
C SER B 162 -5.33 -4.79 20.29
N CYS B 163 -6.32 -5.48 19.73
CA CYS B 163 -7.68 -5.45 20.24
C CYS B 163 -7.70 -6.18 21.60
N ALA B 164 -7.01 -7.33 21.70
CA ALA B 164 -6.92 -8.08 22.97
C ALA B 164 -6.26 -7.19 24.08
N ALA B 165 -5.20 -6.45 23.73
CA ALA B 165 -4.50 -5.53 24.63
C ALA B 165 -5.40 -4.40 25.13
N LEU B 166 -6.27 -3.85 24.28
CA LEU B 166 -7.20 -2.81 24.70
C LEU B 166 -8.16 -3.35 25.78
N VAL B 167 -8.54 -4.65 25.70
CA VAL B 167 -9.42 -5.33 26.65
C VAL B 167 -8.74 -5.62 27.99
N LYS B 168 -7.53 -6.20 27.99
CA LYS B 168 -6.78 -6.46 29.24
C LYS B 168 -6.53 -5.16 30.00
N ALA B 169 -6.24 -4.08 29.28
CA ALA B 169 -6.05 -2.77 29.90
C ALA B 169 -7.34 -2.09 30.38
N GLY B 170 -8.50 -2.69 30.11
CA GLY B 170 -9.79 -2.15 30.51
C GLY B 170 -10.19 -0.91 29.74
N LYS B 171 -9.60 -0.67 28.56
CA LYS B 171 -9.94 0.46 27.72
C LYS B 171 -11.26 0.24 27.00
N VAL B 172 -11.58 -1.02 26.67
CA VAL B 172 -12.83 -1.42 26.00
C VAL B 172 -13.38 -2.66 26.72
N TYR B 173 -14.66 -2.95 26.54
CA TYR B 173 -15.30 -4.11 27.12
C TYR B 173 -14.92 -5.41 26.37
N ALA B 174 -14.84 -5.36 25.02
CA ALA B 174 -14.58 -6.58 24.24
C ALA B 174 -13.87 -6.28 22.93
N ALA B 175 -13.23 -7.33 22.34
CA ALA B 175 -12.57 -7.32 21.04
C ALA B 175 -13.58 -7.93 20.09
N ALA B 176 -14.03 -7.20 19.06
CA ALA B 176 -15.01 -7.74 18.13
C ALA B 176 -14.33 -8.15 16.84
N THR B 177 -14.28 -9.46 16.56
CA THR B 177 -13.63 -10.02 15.37
C THR B 177 -14.08 -11.46 15.17
N GLU B 178 -14.03 -11.94 13.91
CA GLU B 178 -14.32 -13.34 13.57
C GLU B 178 -13.10 -14.25 13.86
N ASP B 179 -11.93 -13.64 14.05
CA ASP B 179 -10.69 -14.32 14.29
C ASP B 179 -10.56 -14.88 15.70
N MET B 180 -10.56 -16.20 15.82
CA MET B 180 -10.43 -16.86 17.10
C MET B 180 -9.06 -16.71 17.72
N ASP B 181 -8.01 -16.39 16.94
CA ASP B 181 -6.69 -16.26 17.57
C ASP B 181 -6.61 -15.00 18.48
N CYS B 182 -7.68 -14.19 18.56
CA CYS B 182 -7.82 -13.08 19.51
C CYS B 182 -7.83 -13.64 20.98
N LEU B 183 -8.40 -14.85 21.18
CA LEU B 183 -8.42 -15.54 22.46
C LEU B 183 -7.00 -16.08 22.77
N THR B 184 -6.28 -16.57 21.77
CA THR B 184 -4.89 -17.04 21.87
C THR B 184 -3.94 -15.87 22.16
N PHE B 185 -4.28 -14.66 21.72
CA PHE B 185 -3.55 -13.43 22.04
C PHE B 185 -3.92 -12.89 23.44
N GLY B 186 -4.78 -13.61 24.18
CA GLY B 186 -5.17 -13.31 25.54
C GLY B 186 -6.35 -12.40 25.78
N SER B 187 -7.28 -12.23 24.81
CA SER B 187 -8.47 -11.39 25.09
C SER B 187 -9.45 -12.04 26.05
N PRO B 188 -9.69 -11.39 27.20
CA PRO B 188 -10.67 -11.93 28.17
C PRO B 188 -12.09 -12.05 27.60
N VAL B 189 -12.44 -11.24 26.58
CA VAL B 189 -13.75 -11.24 25.94
C VAL B 189 -13.58 -11.08 24.43
N LEU B 190 -14.26 -11.93 23.66
CA LEU B 190 -14.29 -11.89 22.22
C LEU B 190 -15.75 -11.80 21.77
N MET B 191 -16.09 -10.80 20.96
CA MET B 191 -17.42 -10.65 20.40
C MET B 191 -17.40 -11.04 18.91
N ARG B 192 -18.18 -12.05 18.52
CA ARG B 192 -18.28 -12.44 17.12
C ARG B 192 -19.63 -12.01 16.54
N HIS B 193 -19.64 -11.68 15.25
CA HIS B 193 -20.82 -11.32 14.44
C HIS B 193 -21.35 -9.92 14.70
N LEU B 194 -20.53 -9.04 15.27
CA LEU B 194 -20.96 -7.66 15.48
C LEU B 194 -21.19 -6.92 14.13
N THR B 195 -20.52 -7.34 13.06
CA THR B 195 -20.69 -6.70 11.75
C THR B 195 -21.26 -7.68 10.71
N ALA B 196 -22.08 -8.65 11.15
CA ALA B 196 -22.64 -9.67 10.26
C ALA B 196 -23.78 -9.11 9.43
N SER B 197 -24.01 -9.68 8.23
CA SER B 197 -25.01 -9.22 7.26
C SER B 197 -26.43 -8.88 7.76
N GLU B 198 -27.03 -9.74 8.60
CA GLU B 198 -28.39 -9.46 9.07
C GLU B 198 -28.52 -9.88 10.54
N ALA B 199 -28.30 -8.90 11.44
CA ALA B 199 -28.23 -8.95 12.90
C ALA B 199 -29.13 -9.95 13.63
N LYS B 200 -30.45 -10.01 13.29
CA LYS B 200 -31.34 -10.93 14.02
C LYS B 200 -31.02 -12.42 13.80
N LYS B 201 -30.77 -12.84 12.55
CA LYS B 201 -30.42 -14.24 12.29
C LYS B 201 -28.97 -14.57 12.66
N LEU B 202 -28.09 -13.55 12.77
CA LEU B 202 -26.69 -13.75 13.20
C LEU B 202 -26.38 -12.88 14.43
N PRO B 203 -26.90 -13.24 15.63
CA PRO B 203 -26.64 -12.42 16.81
C PRO B 203 -25.22 -12.58 17.37
N ILE B 204 -24.84 -11.67 18.27
CA ILE B 204 -23.54 -11.63 18.91
C ILE B 204 -23.24 -12.87 19.73
N GLN B 205 -22.22 -13.60 19.33
CA GLN B 205 -21.70 -14.76 20.01
C GLN B 205 -20.54 -14.26 20.88
N GLU B 206 -20.69 -14.23 22.20
CA GLU B 206 -19.64 -13.76 23.11
C GLU B 206 -18.88 -14.93 23.77
N PHE B 207 -17.55 -14.92 23.68
CA PHE B 207 -16.66 -15.94 24.26
C PHE B 207 -15.96 -15.37 25.46
N HIS B 208 -15.81 -16.17 26.55
CA HIS B 208 -15.09 -15.72 27.75
C HIS B 208 -13.86 -16.58 27.96
N LEU B 209 -12.66 -15.99 27.82
CA LEU B 209 -11.42 -16.74 27.93
C LEU B 209 -11.22 -17.42 29.27
N SER B 210 -11.66 -16.79 30.34
CA SER B 210 -11.51 -17.35 31.69
C SER B 210 -12.34 -18.66 31.80
N ARG B 211 -13.54 -18.68 31.20
CA ARG B 211 -14.34 -19.89 31.21
C ARG B 211 -13.70 -20.99 30.37
N ILE B 212 -13.02 -20.63 29.25
CA ILE B 212 -12.33 -21.57 28.37
C ILE B 212 -11.17 -22.21 29.09
N LEU B 213 -10.34 -21.42 29.79
CA LEU B 213 -9.20 -21.96 30.53
C LEU B 213 -9.65 -22.84 31.68
N GLN B 214 -10.71 -22.43 32.37
CA GLN B 214 -11.28 -23.15 33.50
C GLN B 214 -11.75 -24.54 33.08
N GLU B 215 -12.47 -24.66 31.95
CA GLU B 215 -13.01 -25.94 31.52
C GLU B 215 -11.98 -26.90 30.94
N LEU B 216 -10.93 -26.39 30.30
CA LEU B 216 -9.85 -27.19 29.75
C LEU B 216 -8.80 -27.58 30.82
N GLY B 217 -8.80 -26.89 31.96
CA GLY B 217 -7.85 -27.13 33.02
C GLY B 217 -6.46 -26.62 32.67
N LEU B 218 -6.38 -25.51 31.91
CA LEU B 218 -5.10 -25.00 31.44
C LEU B 218 -4.85 -23.55 31.83
N ASN B 219 -3.57 -23.13 31.83
CA ASN B 219 -3.23 -21.70 31.97
C ASN B 219 -3.06 -21.10 30.51
N GLN B 220 -2.77 -19.79 30.37
CA GLN B 220 -2.62 -19.20 29.03
C GLN B 220 -1.53 -19.86 28.21
N GLU B 221 -0.39 -20.15 28.82
CA GLU B 221 0.77 -20.77 28.19
C GLU B 221 0.40 -22.10 27.53
N GLN B 222 -0.30 -22.98 28.26
CA GLN B 222 -0.72 -24.28 27.75
C GLN B 222 -1.78 -24.13 26.66
N PHE B 223 -2.68 -23.16 26.80
CA PHE B 223 -3.73 -22.88 25.84
C PHE B 223 -3.14 -22.38 24.50
N VAL B 224 -2.05 -21.61 24.53
CA VAL B 224 -1.36 -21.16 23.32
C VAL B 224 -0.80 -22.39 22.57
N ASP B 225 -0.17 -23.31 23.32
CA ASP B 225 0.36 -24.54 22.78
C ASP B 225 -0.72 -25.44 22.21
N LEU B 226 -1.90 -25.44 22.82
CA LEU B 226 -3.03 -26.20 22.30
C LEU B 226 -3.46 -25.58 20.96
N CYS B 227 -3.51 -24.24 20.88
CA CYS B 227 -3.89 -23.56 19.64
C CYS B 227 -2.90 -23.79 18.51
N ILE B 228 -1.60 -23.92 18.83
CA ILE B 228 -0.60 -24.21 17.83
C ILE B 228 -0.82 -25.62 17.26
N LEU B 229 -1.18 -26.59 18.13
CA LEU B 229 -1.48 -27.96 17.74
C LEU B 229 -2.78 -28.05 16.95
N LEU B 230 -3.77 -27.19 17.27
CA LEU B 230 -5.03 -27.20 16.50
C LEU B 230 -4.78 -26.69 15.07
N GLY B 231 -3.89 -25.70 14.94
CA GLY B 231 -3.51 -25.15 13.65
C GLY B 231 -3.69 -23.66 13.58
N SER B 232 -2.58 -22.91 13.61
CA SER B 232 -2.60 -21.45 13.52
C SER B 232 -1.99 -20.98 12.18
N ASP B 233 -1.95 -19.67 11.93
CA ASP B 233 -1.35 -19.12 10.72
C ASP B 233 0.16 -18.94 10.81
N TYR B 234 0.76 -19.18 11.98
CA TYR B 234 2.16 -18.89 12.20
C TYR B 234 3.07 -20.09 12.05
N CYS B 235 2.54 -21.31 12.20
CA CYS B 235 3.34 -22.50 11.98
C CYS B 235 2.46 -23.72 11.73
N GLU B 236 3.06 -24.89 11.44
CA GLU B 236 2.29 -26.08 11.17
C GLU B 236 1.97 -26.83 12.45
N SER B 237 0.97 -27.69 12.39
CA SER B 237 0.61 -28.55 13.50
C SER B 237 1.26 -29.95 13.23
N ILE B 238 1.22 -30.86 14.22
CA ILE B 238 1.77 -32.20 14.03
C ILE B 238 0.72 -32.99 13.27
N ARG B 239 1.07 -33.49 12.09
CA ARG B 239 0.17 -34.25 11.23
C ARG B 239 -0.22 -35.58 11.90
N GLY B 240 -1.51 -35.84 11.99
CA GLY B 240 -2.00 -37.06 12.63
C GLY B 240 -2.50 -36.89 14.04
N ILE B 241 -2.52 -35.66 14.55
CA ILE B 241 -3.02 -35.35 15.88
C ILE B 241 -4.14 -34.34 15.71
N GLY B 242 -5.37 -34.77 15.93
CA GLY B 242 -6.55 -33.94 15.73
C GLY B 242 -6.98 -33.14 16.95
N PRO B 243 -8.12 -32.46 16.83
CA PRO B 243 -8.60 -31.61 17.93
C PRO B 243 -8.63 -32.24 19.33
N LYS B 244 -9.49 -33.24 19.56
CA LYS B 244 -9.61 -33.89 20.86
C LYS B 244 -8.34 -34.62 21.28
N ARG B 245 -7.57 -35.14 20.33
CA ARG B 245 -6.31 -35.78 20.61
C ARG B 245 -5.30 -34.76 21.20
N ALA B 246 -5.26 -33.54 20.64
CA ALA B 246 -4.37 -32.47 21.09
C ALA B 246 -4.73 -31.92 22.46
N VAL B 247 -6.03 -31.79 22.77
CA VAL B 247 -6.51 -31.30 24.08
C VAL B 247 -6.02 -32.22 25.18
N ASP B 248 -6.17 -33.52 24.97
CA ASP B 248 -5.76 -34.60 25.85
C ASP B 248 -4.23 -34.63 26.07
N LEU B 249 -3.45 -34.47 25.00
CA LEU B 249 -2.00 -34.44 25.11
C LEU B 249 -1.53 -33.19 25.85
N ILE B 250 -2.18 -32.03 25.61
CA ILE B 250 -1.83 -30.78 26.30
C ILE B 250 -2.21 -30.84 27.77
N GLN B 251 -3.38 -31.41 28.09
CA GLN B 251 -3.85 -31.57 29.47
C GLN B 251 -2.96 -32.52 30.28
N LYS B 252 -2.33 -33.51 29.62
CA LYS B 252 -1.46 -34.45 30.28
C LYS B 252 -0.01 -33.95 30.40
N HIS B 253 0.58 -33.45 29.31
CA HIS B 253 1.99 -33.07 29.31
C HIS B 253 2.31 -31.57 29.38
N LYS B 254 1.30 -30.70 29.32
CA LYS B 254 1.38 -29.23 29.43
C LYS B 254 2.07 -28.48 28.26
N SER B 255 3.29 -28.87 27.86
CA SER B 255 4.00 -28.18 26.78
C SER B 255 4.17 -29.04 25.53
N ILE B 256 4.35 -28.40 24.37
CA ILE B 256 4.58 -29.08 23.10
C ILE B 256 5.92 -29.85 23.17
N GLU B 257 6.95 -29.28 23.85
CA GLU B 257 8.25 -29.92 24.03
C GLU B 257 8.10 -31.31 24.68
N GLU B 258 7.35 -31.38 25.78
CA GLU B 258 7.10 -32.60 26.52
C GLU B 258 6.28 -33.59 25.69
N ILE B 259 5.37 -33.10 24.84
CA ILE B 259 4.54 -33.93 23.96
C ILE B 259 5.38 -34.59 22.87
N VAL B 260 6.31 -33.84 22.26
CA VAL B 260 7.17 -34.36 21.20
C VAL B 260 8.11 -35.47 21.71
N ARG B 261 8.58 -35.33 22.95
CA ARG B 261 9.43 -36.33 23.60
C ARG B 261 8.71 -37.66 23.79
N ARG B 262 7.40 -37.61 24.04
CA ARG B 262 6.59 -38.81 24.22
C ARG B 262 5.95 -39.35 22.92
N LEU B 263 6.03 -38.59 21.83
CA LEU B 263 5.47 -39.00 20.54
C LEU B 263 6.43 -39.92 19.79
N ASP B 264 5.88 -40.97 19.15
CA ASP B 264 6.68 -41.90 18.36
C ASP B 264 7.12 -41.15 17.10
N PRO B 265 8.44 -40.97 16.86
CA PRO B 265 8.87 -40.20 15.67
C PRO B 265 8.60 -40.83 14.31
N ASN B 266 8.32 -42.14 14.27
CA ASN B 266 8.06 -42.83 13.00
C ASN B 266 6.62 -42.59 12.55
N LYS B 267 5.67 -42.72 13.49
CA LYS B 267 4.24 -42.53 13.21
C LYS B 267 3.85 -41.05 13.24
N TYR B 268 4.34 -40.30 14.25
CA TYR B 268 4.02 -38.88 14.35
C TYR B 268 5.23 -37.93 14.30
N PRO B 269 5.85 -37.75 13.12
CA PRO B 269 6.97 -36.80 13.03
C PRO B 269 6.48 -35.34 13.03
N VAL B 270 7.22 -34.46 13.70
CA VAL B 270 6.89 -33.05 13.74
C VAL B 270 7.41 -32.38 12.47
N PRO B 271 6.89 -31.19 12.10
CA PRO B 271 7.38 -30.54 10.86
C PRO B 271 8.86 -30.20 10.91
N GLU B 272 9.50 -30.12 9.74
CA GLU B 272 10.92 -29.81 9.66
C GLU B 272 11.10 -28.30 9.83
N ASN B 273 12.04 -27.90 10.71
CA ASN B 273 12.32 -26.49 11.02
C ASN B 273 11.06 -25.83 11.58
N TRP B 274 10.44 -26.54 12.55
CA TRP B 274 9.19 -26.16 13.20
C TRP B 274 9.32 -24.92 14.08
N LEU B 275 8.69 -23.82 13.66
CA LEU B 275 8.74 -22.56 14.38
C LEU B 275 7.71 -22.50 15.53
N HIS B 276 7.33 -23.63 16.15
CA HIS B 276 6.37 -23.65 17.25
C HIS B 276 6.83 -22.79 18.44
N LYS B 277 8.15 -22.70 18.67
CA LYS B 277 8.69 -21.87 19.75
C LYS B 277 8.56 -20.39 19.44
N GLU B 278 8.64 -20.01 18.16
CA GLU B 278 8.50 -18.63 17.72
C GLU B 278 7.04 -18.21 17.81
N ALA B 279 6.13 -19.04 17.27
CA ALA B 279 4.70 -18.82 17.29
C ALA B 279 4.19 -18.72 18.72
N HIS B 280 4.77 -19.50 19.65
CA HIS B 280 4.38 -19.47 21.06
C HIS B 280 4.73 -18.15 21.70
N GLN B 281 5.95 -17.66 21.47
CA GLN B 281 6.42 -16.38 21.99
C GLN B 281 5.65 -15.21 21.38
N LEU B 282 5.28 -15.30 20.10
CA LEU B 282 4.48 -14.33 19.34
C LEU B 282 3.07 -14.21 19.95
N PHE B 283 2.45 -15.33 20.34
CA PHE B 283 1.12 -15.30 20.96
C PHE B 283 1.18 -14.81 22.41
N LEU B 284 2.22 -15.21 23.18
CA LEU B 284 2.32 -14.80 24.59
C LEU B 284 2.77 -13.35 24.77
N GLU B 285 3.62 -12.86 23.87
CA GLU B 285 4.08 -11.47 23.94
C GLU B 285 4.04 -10.78 22.58
N PRO B 286 2.84 -10.51 22.06
CA PRO B 286 2.74 -9.85 20.74
C PRO B 286 3.14 -8.39 20.74
N GLU B 287 3.58 -7.88 19.58
CA GLU B 287 3.89 -6.47 19.45
C GLU B 287 2.52 -5.77 19.35
N VAL B 288 2.13 -5.00 20.39
CA VAL B 288 0.84 -4.33 20.45
C VAL B 288 0.96 -2.82 20.68
N LEU B 289 -0.13 -2.06 20.44
CA LEU B 289 -0.12 -0.63 20.69
C LEU B 289 -0.17 -0.39 22.20
N ASP B 290 0.14 0.83 22.66
CA ASP B 290 0.08 1.12 24.09
C ASP B 290 -1.32 1.68 24.43
N PRO B 291 -2.07 0.94 25.26
CA PRO B 291 -3.44 1.38 25.59
C PRO B 291 -3.54 2.62 26.47
N GLU B 292 -2.49 2.90 27.27
CA GLU B 292 -2.47 4.12 28.10
C GLU B 292 -2.28 5.39 27.26
N SER B 293 -1.59 5.26 26.11
CA SER B 293 -1.37 6.32 25.12
C SER B 293 -2.67 6.64 24.33
N VAL B 294 -3.59 5.68 24.26
CA VAL B 294 -4.85 5.72 23.51
C VAL B 294 -5.87 6.69 24.15
N GLU B 295 -6.41 7.63 23.32
CA GLU B 295 -7.37 8.66 23.73
C GLU B 295 -8.59 8.64 22.78
N LEU B 296 -9.52 7.70 22.99
CA LEU B 296 -10.69 7.49 22.12
C LEU B 296 -11.76 8.54 22.20
N LYS B 297 -12.14 9.12 21.06
CA LYS B 297 -13.18 10.14 21.01
C LYS B 297 -14.19 9.91 19.87
N TRP B 298 -15.47 10.19 20.14
CA TRP B 298 -16.52 10.02 19.14
C TRP B 298 -17.16 11.36 18.81
N SER B 299 -16.76 11.91 17.67
CA SER B 299 -17.25 13.20 17.23
C SER B 299 -18.46 13.10 16.29
N GLU B 300 -19.10 14.23 15.98
CA GLU B 300 -20.28 14.30 15.13
C GLU B 300 -19.87 14.02 13.68
N PRO B 301 -20.68 13.26 12.91
CA PRO B 301 -20.33 13.01 11.50
C PRO B 301 -20.47 14.25 10.62
N ASN B 302 -19.71 14.32 9.52
CA ASN B 302 -19.79 15.42 8.55
C ASN B 302 -20.71 15.00 7.42
N GLU B 303 -22.00 15.36 7.51
CA GLU B 303 -23.04 15.05 6.54
C GLU B 303 -22.70 15.37 5.09
N GLU B 304 -22.31 16.64 4.79
CA GLU B 304 -22.02 17.05 3.42
C GLU B 304 -20.83 16.32 2.81
N GLU B 305 -19.70 16.20 3.56
CA GLU B 305 -18.51 15.46 3.07
C GLU B 305 -18.81 13.98 2.86
N LEU B 306 -19.68 13.39 3.70
CA LEU B 306 -20.10 12.00 3.60
C LEU B 306 -20.93 11.80 2.33
N ILE B 307 -21.83 12.74 1.96
CA ILE B 307 -22.62 12.65 0.72
C ILE B 307 -21.65 12.82 -0.46
N LYS B 308 -20.71 13.77 -0.38
CA LYS B 308 -19.74 13.98 -1.48
C LYS B 308 -18.95 12.69 -1.75
N PHE B 309 -18.45 12.06 -0.68
CA PHE B 309 -17.67 10.85 -0.80
C PHE B 309 -18.50 9.61 -1.21
N MET B 310 -19.50 9.21 -0.41
CA MET B 310 -20.31 8.03 -0.70
C MET B 310 -21.17 8.14 -1.94
N CYS B 311 -21.79 9.30 -2.18
CA CYS B 311 -22.65 9.46 -3.36
C CYS B 311 -21.92 9.96 -4.58
N GLY B 312 -21.26 11.11 -4.48
CA GLY B 312 -20.57 11.69 -5.61
C GLY B 312 -19.43 10.85 -6.14
N GLU B 313 -18.58 10.36 -5.26
CA GLU B 313 -17.41 9.58 -5.66
C GLU B 313 -17.65 8.07 -5.74
N LYS B 314 -18.51 7.49 -4.86
CA LYS B 314 -18.68 6.03 -4.84
C LYS B 314 -20.04 5.52 -5.39
N GLN B 315 -20.91 6.44 -5.84
CA GLN B 315 -22.20 6.15 -6.47
C GLN B 315 -23.22 5.44 -5.58
N PHE B 316 -23.11 5.60 -4.25
CA PHE B 316 -24.11 5.00 -3.35
C PHE B 316 -25.41 5.80 -3.41
N SER B 317 -26.54 5.12 -3.28
CA SER B 317 -27.89 5.70 -3.30
C SER B 317 -28.01 6.80 -2.25
N GLU B 318 -28.19 8.05 -2.69
CA GLU B 318 -28.28 9.22 -1.80
C GLU B 318 -29.38 9.15 -0.79
N GLU B 319 -30.50 8.52 -1.14
CA GLU B 319 -31.62 8.40 -0.21
C GLU B 319 -31.23 7.61 1.03
N ARG B 320 -30.62 6.42 0.84
CA ARG B 320 -30.19 5.64 2.00
C ARG B 320 -28.94 6.21 2.67
N ILE B 321 -28.01 6.84 1.91
CA ILE B 321 -26.82 7.44 2.52
C ILE B 321 -27.21 8.57 3.48
N ARG B 322 -28.03 9.53 3.02
CA ARG B 322 -28.50 10.66 3.83
C ARG B 322 -29.35 10.19 5.04
N SER B 323 -30.07 9.07 4.89
CA SER B 323 -30.85 8.45 5.96
C SER B 323 -29.93 7.90 7.07
N GLY B 324 -28.84 7.26 6.65
CA GLY B 324 -27.81 6.69 7.52
C GLY B 324 -27.10 7.75 8.34
N VAL B 325 -26.74 8.87 7.72
CA VAL B 325 -26.10 9.99 8.40
C VAL B 325 -27.01 10.56 9.50
N LYS B 326 -28.32 10.69 9.23
CA LYS B 326 -29.27 11.17 10.23
C LYS B 326 -29.36 10.16 11.40
N ARG B 327 -29.39 8.84 11.09
CA ARG B 327 -29.45 7.79 12.11
C ARG B 327 -28.20 7.82 12.98
N LEU B 328 -27.03 8.00 12.33
CA LEU B 328 -25.71 8.04 12.97
C LEU B 328 -25.64 9.25 13.91
N SER B 329 -26.14 10.40 13.46
CA SER B 329 -26.18 11.62 14.23
C SER B 329 -27.13 11.49 15.45
N LYS B 330 -28.35 10.96 15.24
CA LYS B 330 -29.36 10.78 16.28
C LYS B 330 -28.86 9.90 17.42
N SER B 331 -28.04 8.89 17.10
CA SER B 331 -27.47 7.98 18.09
C SER B 331 -26.57 8.70 19.11
N ARG B 332 -25.93 9.80 18.70
CA ARG B 332 -25.09 10.57 19.61
C ARG B 332 -25.90 11.30 20.69
N GLN B 333 -27.18 11.63 20.40
CA GLN B 333 -28.06 12.28 21.36
C GLN B 333 -28.80 11.26 22.23
O1 A1JED C . 9.26 5.43 -17.14
O2 A1JED C . 8.35 6.45 -12.32
O3 A1JED C . 8.06 6.29 -14.94
C14 A1JED C . 9.02 5.43 -12.43
C3 A1JED C . 9.55 4.92 -13.66
C2 A1JED C . 9.09 5.40 -14.84
N3 A1JED C . 9.26 4.65 -11.31
C15 A1JED C . 8.61 4.99 -10.05
C13 A1JED C . 10.06 3.43 -11.32
C12 A1JED C . 11.12 3.41 -12.40
N1 A1JED C . 10.62 3.99 -13.67
C4 A1JED C . 11.17 3.64 -14.91
N2 A1JED C . 10.75 4.11 -16.04
C1 A1JED C . 9.70 4.99 -16.07
C5 A1JED C . 12.27 2.59 -14.96
C6 A1JED C . 11.72 1.25 -15.41
C11 A1JED C . 11.61 0.96 -16.76
C10 A1JED C . 10.97 -0.20 -17.18
C9 A1JED C . 10.43 -1.07 -16.26
C8 A1JED C . 10.54 -0.80 -14.91
C7 A1JED C . 11.18 0.36 -14.49
HO3 A1JED C . 7.92 6.48 -15.88
H151 A1JED C . 8.74 4.20 -9.31
H152 A1JED C . 7.55 5.16 -10.17
H153 A1JED C . 9.07 5.91 -9.67
H131 A1JED C . 9.37 2.60 -11.46
H132 A1JED C . 10.56 3.30 -10.35
H122 A1JED C . 11.39 2.36 -12.48
H121 A1JED C . 11.98 3.95 -12.01
H51 A1JED C . 12.96 2.89 -15.75
H52 A1JED C . 12.91 2.54 -14.08
H11 A1JED C . 12.02 1.62 -17.51
H10 A1JED C . 10.88 -0.42 -18.24
H9 A1JED C . 9.93 -1.98 -16.58
H8 A1JED C . 10.11 -1.48 -14.18
H7 A1JED C . 11.28 0.51 -13.42
O1 TEW D . 20.96 5.71 -20.25
O2 TEW D . 19.47 3.75 -19.45
O3 TEW D . 19.08 6.51 -18.81
O4 TEW D . 21.73 3.88 -18.27
O5 TEW D . 19.53 4.85 -16.70
O6 TEW D . 21.60 6.47 -17.54
O7 TEW D . 18.66 5.68 -21.49
O8 TEW D . 20.67 8.56 -19.80
O9 TEW D . 18.02 8.33 -20.64
O10 TEW D . 20.25 7.60 -22.22
O11 TEW D . 19.03 3.00 -22.17
O12 TEW D . 20.63 4.90 -22.99
O13 TEW D . 21.41 3.01 -21.05
O14 TEW D . 20.01 1.13 -20.18
O15 TEW D . 20.30 1.68 -17.46
O16 TEW D . 22.59 1.42 -19.03
O17 TEW D . 18.41 4.95 -24.15
O18 TEW D . 20.05 7.07 -24.95
O19 TEW D . 17.72 7.49 -23.40
O20 TEW D . 20.93 2.15 -23.69
O21 TEW D . 20.53 3.80 -25.69
O22 TEW D . 18.35 2.30 -24.89
O23 TEW D . 19.23 0.16 -22.67
O31 TEW D . 21.94 0.32 -22.05
TE1 TEW D . 20.03 4.33 -21.22
W1 TEW D . 20.45 5.32 -18.09
W2 TEW D . 19.49 7.46 -20.45
W3 TEW D . 21.03 2.18 -18.93
W4 TEW D . 19.23 6.63 -23.52
W5 TEW D . 19.56 3.38 -24.32
W6 TEW D . 20.47 1.22 -22.06
O1 TEW E . 27.74 10.00 -1.92
O2 TEW E . 27.81 8.95 0.33
O3 TEW E . 29.98 8.86 -1.18
O4 TEW E . 26.47 7.61 -1.37
O5 TEW E . 28.90 6.40 -0.79
O6 TEW E . 28.55 7.54 -3.27
O7 TEW E . 29.07 11.25 -0.02
O8 TEW E . 30.04 10.10 -3.62
O9 TEW E . 31.52 11.14 -1.54
O10 TEW E . 29.28 12.38 -2.31
O11 TEW E . 26.88 11.32 1.58
O12 TEW E . 26.89 12.56 -0.66
O13 TEW E . 25.44 10.06 -0.22
O14 TEW E . 25.52 8.96 2.04
O15 TEW E . 26.55 6.51 1.22
O16 TEW E . 24.23 7.42 0.13
O17 TEW E . 28.16 13.82 1.02
O18 TEW E . 28.46 14.86 -1.55
O19 TEW E . 30.67 13.66 -0.35
O20 TEW E . 24.60 12.47 1.06
O21 TEW E . 25.51 14.85 0.60
O22 TEW E . 26.19 13.73 3.07
O23 TEW E . 24.70 11.09 3.51
O31 TEW E . 23.09 10.20 1.48
TE1 TEW E . 27.24 10.70 -0.21
W1 TEW E . 28.37 7.85 -1.59
W2 TEW E . 29.93 10.61 -1.95
W3 TEW E . 25.87 7.90 0.47
W4 TEW E . 29.01 13.43 -0.75
W5 TEW E . 26.24 13.46 1.37
W6 TEW E . 24.70 10.71 1.81
O1 TEW F . -1.84 -1.36 -4.47
O2 TEW F . -1.57 -3.40 -6.04
O3 TEW F . -4.01 -2.71 -4.91
O4 TEW F . -0.63 -3.85 -3.80
O5 TEW F . -3.04 -5.05 -4.30
O6 TEW F . -2.85 -3.15 -2.31
O7 TEW F . -2.88 -1.14 -6.89
O8 TEW F . -4.30 -0.21 -3.36
O9 TEW F . -5.55 -0.70 -5.74
O10 TEW F . -3.28 0.88 -5.60
O11 TEW F . -0.62 -1.96 -8.09
O12 TEW F . -0.69 0.29 -6.80
O13 TEW F . 0.72 -2.22 -5.92
O14 TEW F . 0.83 -4.35 -7.25
O15 TEW F . -0.32 -6.06 -5.57
O16 TEW F . 1.85 -4.59 -4.67
O17 TEW F . -1.83 0.52 -9.07
O18 TEW F . -2.32 2.75 -7.33
O19 TEW F . -4.32 1.07 -8.14
O20 TEW F . 1.57 -0.83 -8.18
O21 TEW F . 0.73 1.54 -9.08
O22 TEW F . 0.08 -0.71 -10.52
O23 TEW F . 1.51 -3.27 -9.64
O31 TEW F . 3.16 -2.92 -7.46
TE1 TEW F . -1.08 -1.53 -6.25
W1 TEW F . -2.52 -3.46 -3.95
W2 TEW F . -4.02 -0.80 -4.98
W3 TEW F . 0.29 -4.46 -5.41
W4 TEW F . -2.73 1.09 -7.43
W5 TEW F . 0.02 -0.01 -8.98
W6 TEW F . 1.54 -2.73 -8.00
O1 TEW G . 16.73 30.04 -26.96
O2 TEW G . 16.03 27.69 -26.09
O3 TEW G . 18.69 28.46 -26.81
O4 TEW G . 15.34 28.06 -28.50
O5 TEW G . 17.62 26.43 -28.21
O6 TEW G . 17.76 28.90 -29.42
O7 TEW G . 17.49 29.56 -24.52
O8 TEW G . 19.39 31.04 -27.62
O9 TEW G . 20.31 30.04 -25.23
O10 TEW G . 18.19 31.87 -25.29
O11 TEW G . 14.78 28.90 -23.85
O12 TEW G . 15.51 31.25 -24.67
O13 TEW G . 14.05 29.37 -26.31
O14 TEW G . 13.31 27.08 -25.48
O15 TEW G . 14.51 25.60 -27.47
O16 TEW G . 12.71 27.54 -28.18
O17 TEW G . 16.20 30.82 -22.28
O18 TEW G . 17.09 33.30 -23.22
O19 TEW G . 18.85 31.28 -22.61
O20 TEW G . 12.83 30.50 -24.00
O21 TEW G . 13.91 32.49 -22.52
O22 TEW G . 13.75 29.98 -21.38
O23 TEW G . 12.10 27.93 -23.22
O31 TEW G . 11.23 28.95 -25.64
TE1 TEW G . 15.77 29.48 -25.40
W1 TEW G . 17.20 28.11 -28.00
W2 TEW G . 18.87 30.27 -26.15
W3 TEW G . 14.11 27.24 -27.21
W4 TEW G . 17.45 31.64 -23.55
W5 TEW G . 14.32 30.82 -22.77
W6 TEW G . 12.64 28.71 -24.68
MG MG H . 7.84 7.03 -17.20
MG MG I . 7.34 7.65 -13.77
O1 A1JED J . -6.13 -14.89 11.13
O2 A1JED J . -6.73 -10.16 9.54
O3 A1JED J . -5.88 -12.30 10.96
C14 A1JED J . -6.92 -10.97 8.64
C3 A1JED J . -6.95 -12.39 8.80
C2 A1JED J . -6.47 -12.98 9.94
N3 A1JED J . -7.11 -10.52 7.32
C15 A1JED J . -7.02 -9.08 7.03
C13 A1JED J . -7.38 -11.40 6.19
C12 A1JED J . -8.17 -12.59 6.62
N1 A1JED J . -7.60 -13.21 7.83
C4 A1JED J . -7.71 -14.58 8.10
N2 A1JED J . -7.26 -15.15 9.19
C1 A1JED J . -6.61 -14.38 10.13
C5 A1JED J . -8.30 -15.49 7.04
C6 A1JED J . -7.25 -16.06 6.12
C11 A1JED J . -6.42 -17.09 6.55
C10 A1JED J . -5.41 -17.57 5.75
C9 A1JED J . -5.22 -17.05 4.48
C8 A1JED J . -6.04 -16.02 4.04
C7 A1JED J . -7.05 -15.54 4.85
HO3 A1JED J . -5.64 -12.94 11.66
H151 A1JED J . -6.85 -8.92 5.96
H152 A1JED J . -6.21 -8.60 7.57
H153 A1JED J . -7.97 -8.62 7.32
H131 A1JED J . -7.92 -10.86 5.42
H132 A1JED J . -6.42 -11.73 5.77
H122 A1JED J . -8.16 -13.24 5.75
H121 A1JED J . -9.20 -12.25 6.78
H51 A1JED J . -8.72 -16.36 7.56
H52 A1JED J . -9.18 -15.07 6.53
H11 A1JED J . -6.56 -17.52 7.54
H10 A1JED J . -4.77 -18.37 6.09
H9 A1JED J . -4.43 -17.43 3.85
H8 A1JED J . -5.89 -15.61 3.05
H7 A1JED J . -7.71 -14.79 4.43
O1 TEW K . 1.86 -45.01 27.73
O2 TEW K . -0.19 -44.48 29.23
O3 TEW K . 2.21 -45.45 30.25
O4 TEW K . -0.57 -46.62 27.98
O5 TEW K . 0.22 -47.08 30.60
O6 TEW K . 1.95 -47.72 28.54
O7 TEW K . 1.94 -42.86 29.13
O8 TEW K . 4.48 -45.82 28.73
O9 TEW K . 4.34 -43.76 30.60
O10 TEW K . 4.08 -43.23 27.86
O11 TEW K . -0.42 -41.90 27.89
O12 TEW K . 1.67 -42.51 26.49
O13 TEW K . -0.76 -44.17 26.69
O14 TEW K . -2.71 -43.55 28.29
O15 TEW K . -2.65 -45.89 29.75
O16 TEW K . -3.01 -46.04 27.01
O17 TEW K . 1.73 -40.28 27.49
O18 TEW K . 4.19 -40.91 26.51
O19 TEW K . 3.86 -40.73 29.23
O20 TEW K . -1.05 -41.78 25.41
O21 TEW K . 1.09 -40.31 24.65
O22 TEW K . -0.65 -39.32 26.57
O23 TEW K . -3.11 -41.06 27.19
O31 TEW K . -3.33 -43.32 25.59
TE1 TEW K . 0.66 -43.50 27.82
W1 TEW K . 0.96 -46.46 29.16
W2 TEW K . 3.52 -44.46 29.25
W3 TEW K . -2.02 -45.33 28.26
W4 TEW K . 3.25 -41.52 27.81
W5 TEW K . 0.34 -40.66 26.17
W6 TEW K . -2.29 -42.53 26.71
O1 TEW L . 3.20 -7.05 2.15
O2 TEW L . 1.64 -5.79 0.54
O3 TEW L . 0.84 -7.48 2.78
O4 TEW L . 2.66 -7.87 -0.49
O5 TEW L . -0.02 -8.21 0.29
O6 TEW L . 2.07 -9.61 1.46
O7 TEW L . 2.21 -4.98 3.43
O8 TEW L . 2.74 -8.74 4.43
O9 TEW L . 1.01 -6.83 5.42
O10 TEW L . 3.75 -6.38 4.87
O11 TEW L . 3.39 -3.29 1.19
O12 TEW L . 4.71 -4.86 2.74
O13 TEW L . 4.26 -5.54 0.17
O14 TEW L . 2.99 -4.26 -1.51
O15 TEW L . 1.28 -6.20 -2.36
O16 TEW L . 4.00 -6.79 -2.45
O17 TEW L . 4.15 -2.75 3.90
O18 TEW L . 5.60 -4.52 5.45
O19 TEW L . 2.88 -3.86 6.06
O20 TEW L . 5.93 -3.39 0.66
O21 TEW L . 6.83 -2.94 2.96
O22 TEW L . 5.07 -0.98 2.03
O23 TEW L . 4.28 -1.94 -1.34
O31 TEW L . 5.72 -4.25 -1.87
TE1 TEW L . 3.10 -5.19 1.69
W1 TEW L . 1.51 -8.05 1.05
W2 TEW L . 2.15 -7.14 4.17
W3 TEW L . 2.74 -6.16 -1.43
W4 TEW L . 3.98 -4.48 4.85
W5 TEW L . 5.24 -2.66 2.31
W6 TEW L . 4.63 -3.52 -0.74
O1 TEW M . -29.34 -7.00 6.97
O2 TEW M . -30.02 -5.88 4.97
O3 TEW M . -31.25 -5.64 7.77
O4 TEW M . -30.91 -8.21 5.08
O5 TEW M . -32.86 -5.99 5.47
O6 TEW M . -32.35 -8.03 7.27
O7 TEW M . -29.08 -4.48 6.74
O8 TEW M . -29.48 -6.79 9.82
O9 TEW M . -30.03 -4.21 9.66
O10 TEW M . -27.74 -4.70 8.67
O11 TEW M . -27.95 -4.82 4.22
O12 TEW M . -26.59 -4.96 6.31
O13 TEW M . -27.97 -7.34 4.45
O14 TEW M . -28.81 -6.73 2.29
O15 TEW M . -31.55 -6.82 2.66
O16 TEW M . -30.10 -9.09 2.82
O17 TEW M . -27.27 -2.51 5.67
O18 TEW M . -25.95 -2.65 8.18
O19 TEW M . -28.52 -2.06 8.18
O20 TEW M . -25.61 -5.26 3.73
O21 TEW M . -24.60 -3.10 5.02
O22 TEW M . -26.44 -2.64 3.07
O23 TEW M . -26.92 -5.22 1.38
O31 TEW M . -26.04 -7.65 2.27
TE1 TEW M . -28.22 -5.91 5.79
W1 TEW M . -31.62 -6.86 6.27
W2 TEW M . -29.51 -5.50 8.65
W3 TEW M . -30.19 -7.49 3.43
W4 TEW M . -27.42 -3.18 7.48
W5 TEW M . -26.17 -3.56 4.49
W6 TEW M . -26.94 -6.27 2.77
O1 TEW N . -13.59 -23.85 11.28
O1 TEW N . -16.39 -19.89 10.83
O2 TEW N . -15.36 -24.66 9.59
O2 TEW N . -17.11 -22.34 11.15
O3 TEW N . -15.33 -25.59 12.13
O3 TEW N . -18.09 -20.91 9.08
O4 TEW N . -12.97 -25.54 9.22
O4 TEW N . -18.23 -20.74 12.82
O5 TEW N . -14.74 -27.43 10.28
O5 TEW N . -19.92 -21.60 10.79
O6 TEW N . -12.59 -26.45 11.78
O6 TEW N . -19.08 -18.94 10.92
O7 TEW N . -15.87 -22.70 11.69
O7 TEW N . -15.26 -21.57 9.14
O8 TEW N . -13.64 -24.81 14.13
O8 TEW N . -17.37 -18.30 8.66
O9 TEW N . -16.26 -24.08 14.22
O9 TEW N . -16.59 -20.33 6.89
O10 TEW N . -14.14 -22.26 13.43
O10 TEW N . -14.74 -19.18 8.72
O11 TEW N . -16.02 -21.80 9.09
O11 TEW N . -14.41 -23.15 11.29
O12 TEW N . -14.01 -21.18 10.62
O12 TEW N . -13.56 -20.76 10.96
O13 TEW N . -13.76 -22.85 8.45
O13 TEW N . -15.44 -21.41 12.99
O14 TEW N . -15.49 -23.85 6.96
O14 TEW N . -16.05 -23.74 13.51
O15 TEW N . -14.85 -26.52 7.45
O15 TEW N . -18.82 -23.52 13.19
O16 TEW N . -12.78 -24.79 6.65
O16 TEW N . -17.54 -21.95 15.03
O17 TEW N . -16.05 -19.83 11.25
O17 TEW N . -12.54 -22.21 9.14
O18 TEW N . -13.89 -19.48 13.03
O18 TEW N . -11.91 -19.41 9.00
O19 TEW N . -16.31 -20.58 13.74
O19 TEW N . -13.25 -20.79 7.06
O20 TEW N . -14.50 -20.30 7.80
O20 TEW N . -12.57 -22.35 12.90
O21 TEW N . -14.15 -18.38 9.75
O21 TEW N . -10.73 -21.79 11.15
O22 TEW N . -16.71 -18.90 8.90
O22 TEW N . -11.89 -24.33 10.91
O23 TEW N . -16.68 -21.36 6.29
O23 TEW N . -13.59 -24.82 13.56
O31 TEW N . -14.07 -21.91 5.61
O31 TEW N . -13.89 -22.65 15.18
TE1 TEW N . -14.79 -22.89 10.09
TE1 TEW N . -15.37 -21.50 11.07
W1 TEW N . -13.94 -25.99 10.83
W1 TEW N . -18.53 -20.56 10.92
W2 TEW N . -14.88 -24.05 13.19
W2 TEW N . -16.59 -19.86 8.56
W3 TEW N . -14.12 -24.99 7.73
W3 TEW N . -17.48 -22.46 13.37
W4 TEW N . -15.00 -20.74 12.62
W4 TEW N . -13.26 -20.42 8.75
W5 TEW N . -15.29 -19.66 9.49
W5 TEW N . -12.24 -22.64 11.01
W6 TEW N . -15.17 -21.92 6.94
W6 TEW N . -14.17 -23.19 13.58
O1 TEW O . -10.16 -40.56 14.80
O2 TEW O . -12.27 -39.24 13.96
O3 TEW O . -12.36 -41.82 15.23
O4 TEW O . -10.95 -40.27 12.09
O5 TEW O . -13.23 -41.73 12.69
O6 TEW O . -10.75 -42.77 13.08
O7 TEW O . -11.60 -39.59 16.73
O8 TEW O . -10.07 -43.11 16.00
O9 TEW O . -11.85 -42.20 17.97
O10 TEW O . -9.55 -40.86 17.50
O11 TEW O . -11.43 -37.02 15.51
O12 TEW O . -9.33 -38.33 16.25
O13 TEW O . -9.96 -38.01 13.61
O14 TEW O . -11.98 -36.68 12.76
O15 TEW O . -13.03 -38.78 11.22
O16 TEW O . -10.39 -37.92 10.75
O17 TEW O . -10.60 -37.31 18.17
O18 TEW O . -8.41 -38.80 19.00
O19 TEW O . -10.98 -39.53 19.57
O20 TEW O . -9.17 -35.76 15.07
O21 TEW O . -8.30 -35.88 17.55
O22 TEW O . -10.80 -34.78 17.13
O23 TEW O . -11.46 -34.45 14.28
O31 TEW O . -9.55 -35.36 12.43
TE1 TEW O . -10.83 -38.81 15.15
W1 TEW O . -11.72 -41.40 13.46
W2 TEW O . -10.99 -41.75 16.57
W3 TEW O . -11.54 -38.38 11.99
W4 TEW O . -9.93 -39.16 18.25
W5 TEW O . -9.84 -36.17 16.83
W6 TEW O . -10.55 -35.84 13.74
MG MG P . -5.37 -13.86 12.88
MG MG Q . -6.01 -10.19 11.45
#